data_2ND3
#
_entry.id   2ND3
#
_entity_poly.entity_id   1
_entity_poly.type   'polypeptide(L)'
_entity_poly.pdbx_seq_one_letter_code
;QCYTFRSECTNKEFTVCRPNPEEVEKEARRTKEEECRK
;
_entity_poly.pdbx_strand_id   A
#
# COMPACT_ATOMS: atom_id res chain seq x y z
N GLN A 1 8.64 -0.13 -10.29
CA GLN A 1 7.42 0.70 -10.23
C GLN A 1 7.10 1.06 -8.77
N CYS A 2 7.33 2.34 -8.41
CA CYS A 2 6.96 2.91 -7.11
C CYS A 2 5.49 3.38 -7.16
N TYR A 3 4.74 3.10 -6.09
CA TYR A 3 3.29 3.35 -6.03
C TYR A 3 2.93 4.00 -4.68
N THR A 4 2.42 5.24 -4.73
CA THR A 4 2.03 6.00 -3.54
C THR A 4 0.51 5.82 -3.25
N PHE A 5 0.18 5.55 -1.97
CA PHE A 5 -1.20 5.36 -1.49
C PHE A 5 -1.23 5.66 0.01
N ARG A 6 -2.28 6.37 0.47
CA ARG A 6 -2.41 6.79 1.88
C ARG A 6 -3.67 6.16 2.49
N SER A 7 -3.52 5.41 3.58
CA SER A 7 -4.67 4.79 4.27
C SER A 7 -5.27 5.78 5.27
N GLU A 8 -6.59 5.99 5.15
CA GLU A 8 -7.38 6.83 6.07
C GLU A 8 -7.34 6.27 7.52
N CYS A 9 -7.18 4.95 7.62
CA CYS A 9 -7.27 4.20 8.89
C CYS A 9 -5.98 4.26 9.76
N THR A 10 -5.09 5.22 9.44
CA THR A 10 -3.77 5.37 10.09
C THR A 10 -3.21 6.79 9.88
N ASN A 11 -3.68 7.44 8.78
CA ASN A 11 -3.31 8.82 8.37
C ASN A 11 -1.84 8.88 7.83
N LYS A 12 -1.26 7.70 7.57
CA LYS A 12 0.12 7.58 7.02
C LYS A 12 0.05 7.33 5.51
N GLU A 13 1.02 7.89 4.78
CA GLU A 13 1.15 7.72 3.32
C GLU A 13 2.31 6.76 3.02
N PHE A 14 2.06 5.77 2.16
CA PHE A 14 2.97 4.66 1.86
C PHE A 14 3.41 4.75 0.39
N THR A 15 4.64 4.32 0.10
CA THR A 15 5.20 4.28 -1.25
C THR A 15 5.94 2.96 -1.42
N VAL A 16 5.47 2.09 -2.33
CA VAL A 16 6.02 0.74 -2.48
C VAL A 16 6.69 0.58 -3.89
N CYS A 17 8.02 0.38 -3.86
CA CYS A 17 8.85 0.23 -5.06
C CYS A 17 9.20 -1.25 -5.28
N ARG A 18 8.44 -1.89 -6.20
CA ARG A 18 8.62 -3.31 -6.58
C ARG A 18 8.95 -3.41 -8.10
N PRO A 19 9.84 -4.39 -8.52
CA PRO A 19 10.22 -4.57 -9.96
C PRO A 19 9.04 -4.99 -10.86
N ASN A 20 8.01 -5.60 -10.23
CA ASN A 20 6.80 -6.07 -10.92
C ASN A 20 5.57 -5.26 -10.44
N PRO A 21 4.64 -4.88 -11.36
CA PRO A 21 3.31 -4.36 -10.98
C PRO A 21 2.44 -5.48 -10.35
N GLU A 22 2.82 -6.75 -10.69
CA GLU A 22 2.25 -7.97 -10.11
C GLU A 22 2.45 -8.02 -8.59
N GLU A 23 3.62 -7.54 -8.16
CA GLU A 23 3.96 -7.45 -6.74
C GLU A 23 3.28 -6.24 -6.07
N VAL A 24 3.27 -5.10 -6.79
CA VAL A 24 2.72 -3.82 -6.28
C VAL A 24 1.23 -3.95 -5.88
N GLU A 25 0.41 -4.61 -6.72
CA GLU A 25 -1.05 -4.77 -6.48
C GLU A 25 -1.34 -5.50 -5.14
N LYS A 26 -0.46 -6.48 -4.78
CA LYS A 26 -0.53 -7.19 -3.49
C LYS A 26 -0.21 -6.20 -2.36
N GLU A 27 0.95 -5.55 -2.48
CA GLU A 27 1.48 -4.57 -1.50
C GLU A 27 0.52 -3.39 -1.30
N ALA A 28 -0.26 -3.07 -2.35
CA ALA A 28 -1.21 -1.96 -2.36
C ALA A 28 -2.43 -2.27 -1.49
N ARG A 29 -3.06 -3.45 -1.74
CA ARG A 29 -4.27 -3.84 -1.00
C ARG A 29 -3.92 -4.22 0.45
N ARG A 30 -2.90 -5.09 0.61
CA ARG A 30 -2.54 -5.70 1.90
C ARG A 30 -2.19 -4.65 2.96
N THR A 31 -1.46 -3.58 2.56
CA THR A 31 -1.15 -2.46 3.46
C THR A 31 -2.44 -1.75 3.93
N LYS A 32 -3.26 -1.33 2.96
CA LYS A 32 -4.49 -0.53 3.19
C LYS A 32 -5.51 -1.29 4.07
N GLU A 33 -5.61 -2.61 3.84
CA GLU A 33 -6.50 -3.53 4.59
C GLU A 33 -6.00 -3.69 6.03
N GLU A 34 -4.70 -3.92 6.17
CA GLU A 34 -4.02 -4.12 7.47
C GLU A 34 -4.10 -2.87 8.36
N GLU A 35 -4.21 -1.70 7.74
CA GLU A 35 -4.41 -0.44 8.48
C GLU A 35 -5.88 -0.32 8.92
N CYS A 36 -6.80 -0.79 8.08
CA CYS A 36 -8.26 -0.79 8.37
C CYS A 36 -8.71 -2.11 9.05
N ARG A 37 -7.76 -2.81 9.69
CA ARG A 37 -7.99 -4.08 10.41
C ARG A 37 -6.94 -4.21 11.52
N LYS A 38 -5.69 -4.54 11.13
CA LYS A 38 -4.55 -4.75 12.06
C LYS A 38 -4.79 -6.03 12.92
N GLN A 1 7.69 4.53 -10.00
CA GLN A 1 7.81 3.07 -9.75
C GLN A 1 7.17 2.72 -8.39
N CYS A 2 7.50 3.48 -7.33
CA CYS A 2 7.00 3.25 -5.98
C CYS A 2 5.55 3.79 -5.88
N TYR A 3 4.58 2.85 -6.00
CA TYR A 3 3.15 3.18 -6.01
C TYR A 3 2.75 3.88 -4.70
N THR A 4 2.31 5.15 -4.83
CA THR A 4 2.02 6.03 -3.70
C THR A 4 0.50 6.00 -3.40
N PHE A 5 0.15 5.55 -2.20
CA PHE A 5 -1.23 5.52 -1.70
C PHE A 5 -1.24 6.00 -0.26
N ARG A 6 -2.21 6.85 0.09
CA ARG A 6 -2.35 7.40 1.44
C ARG A 6 -3.60 6.84 2.11
N SER A 7 -3.48 6.58 3.41
CA SER A 7 -4.56 6.04 4.23
C SER A 7 -5.28 7.17 4.96
N GLU A 8 -6.59 6.97 5.16
CA GLU A 8 -7.41 7.78 6.08
C GLU A 8 -7.44 7.08 7.47
N CYS A 9 -7.06 5.80 7.47
CA CYS A 9 -7.09 4.95 8.66
C CYS A 9 -5.94 5.32 9.63
N THR A 10 -4.71 5.38 9.10
CA THR A 10 -3.50 5.72 9.88
C THR A 10 -3.06 7.14 9.54
N ASN A 11 -3.71 7.73 8.50
CA ASN A 11 -3.45 9.13 8.06
C ASN A 11 -2.09 9.26 7.31
N LYS A 12 -1.28 8.18 7.30
CA LYS A 12 0.08 8.20 6.70
C LYS A 12 0.04 7.83 5.23
N GLU A 13 0.98 8.39 4.47
CA GLU A 13 1.19 8.07 3.05
C GLU A 13 2.26 6.98 2.92
N PHE A 14 1.95 5.94 2.13
CA PHE A 14 2.79 4.76 1.94
C PHE A 14 3.25 4.69 0.48
N THR A 15 4.51 4.34 0.25
CA THR A 15 5.07 4.09 -1.09
C THR A 15 5.66 2.68 -1.13
N VAL A 16 5.12 1.81 -1.99
CA VAL A 16 5.59 0.43 -2.11
C VAL A 16 6.51 0.28 -3.35
N CYS A 17 7.79 -0.03 -3.08
CA CYS A 17 8.84 -0.09 -4.10
C CYS A 17 9.12 -1.53 -4.52
N ARG A 18 8.29 -2.02 -5.46
CA ARG A 18 8.43 -3.35 -6.10
C ARG A 18 8.88 -3.17 -7.57
N PRO A 19 9.78 -4.06 -8.12
CA PRO A 19 10.33 -3.90 -9.49
C PRO A 19 9.23 -4.06 -10.56
N ASN A 20 8.29 -4.96 -10.27
CA ASN A 20 7.13 -5.22 -11.12
C ASN A 20 5.84 -4.79 -10.39
N PRO A 21 4.99 -3.93 -11.04
CA PRO A 21 3.62 -3.59 -10.53
C PRO A 21 2.70 -4.82 -10.23
N GLU A 22 3.10 -6.02 -10.71
CA GLU A 22 2.42 -7.29 -10.44
C GLU A 22 2.40 -7.58 -8.93
N GLU A 23 3.56 -7.39 -8.29
CA GLU A 23 3.70 -7.55 -6.84
C GLU A 23 3.00 -6.40 -6.10
N VAL A 24 3.01 -5.18 -6.68
CA VAL A 24 2.32 -4.01 -6.11
C VAL A 24 0.79 -4.26 -5.96
N GLU A 25 0.20 -5.00 -6.91
CA GLU A 25 -1.23 -5.40 -6.86
C GLU A 25 -1.54 -6.19 -5.59
N LYS A 26 -0.58 -6.99 -5.17
CA LYS A 26 -0.65 -7.77 -3.92
C LYS A 26 -0.47 -6.87 -2.70
N GLU A 27 0.61 -6.06 -2.72
CA GLU A 27 1.04 -5.26 -1.55
C GLU A 27 0.00 -4.17 -1.22
N ALA A 28 -0.43 -3.42 -2.24
CA ALA A 28 -1.35 -2.29 -2.12
C ALA A 28 -2.66 -2.69 -1.43
N ARG A 29 -3.22 -3.86 -1.79
CA ARG A 29 -4.47 -4.35 -1.19
C ARG A 29 -4.22 -4.86 0.25
N ARG A 30 -3.25 -5.76 0.42
CA ARG A 30 -3.02 -6.48 1.69
C ARG A 30 -2.60 -5.51 2.80
N THR A 31 -1.71 -4.57 2.45
CA THR A 31 -1.23 -3.53 3.36
C THR A 31 -2.39 -2.68 3.84
N LYS A 32 -3.17 -2.12 2.90
CA LYS A 32 -4.25 -1.16 3.21
C LYS A 32 -5.40 -1.78 4.02
N GLU A 33 -5.65 -3.08 3.83
CA GLU A 33 -6.66 -3.81 4.63
C GLU A 33 -6.16 -4.05 6.07
N GLU A 34 -4.84 -4.35 6.21
CA GLU A 34 -4.21 -4.71 7.49
C GLU A 34 -3.92 -3.49 8.38
N GLU A 35 -3.36 -2.41 7.82
CA GLU A 35 -3.01 -1.19 8.59
C GLU A 35 -4.28 -0.41 9.00
N CYS A 36 -5.39 -0.67 8.29
CA CYS A 36 -6.68 -0.05 8.61
C CYS A 36 -7.42 -0.80 9.74
N ARG A 37 -6.92 -2.01 10.09
CA ARG A 37 -7.37 -2.73 11.29
C ARG A 37 -6.23 -2.74 12.32
N LYS A 38 -6.51 -3.22 13.54
CA LYS A 38 -5.50 -3.29 14.62
C LYS A 38 -4.88 -4.72 14.73
N GLN A 1 7.46 4.10 -11.61
CA GLN A 1 7.35 4.91 -10.39
C GLN A 1 6.89 4.06 -9.20
N CYS A 2 7.11 4.60 -7.99
CA CYS A 2 6.74 3.94 -6.74
C CYS A 2 5.28 4.30 -6.36
N TYR A 3 4.46 3.25 -6.22
CA TYR A 3 3.01 3.34 -5.96
C TYR A 3 2.75 4.01 -4.59
N THR A 4 2.20 5.23 -4.61
CA THR A 4 1.91 6.02 -3.41
C THR A 4 0.40 5.93 -3.08
N PHE A 5 0.07 5.39 -1.90
CA PHE A 5 -1.31 5.20 -1.44
C PHE A 5 -1.39 5.53 0.05
N ARG A 6 -2.46 6.24 0.46
CA ARG A 6 -2.61 6.75 1.81
C ARG A 6 -3.81 6.09 2.50
N SER A 7 -3.54 5.32 3.55
CA SER A 7 -4.56 4.74 4.39
C SER A 7 -4.96 5.77 5.45
N GLU A 8 -6.21 6.26 5.35
CA GLU A 8 -6.78 7.25 6.28
C GLU A 8 -6.99 6.62 7.68
N CYS A 9 -7.09 5.29 7.69
CA CYS A 9 -7.25 4.48 8.92
C CYS A 9 -6.06 4.63 9.91
N THR A 10 -4.90 4.99 9.35
CA THR A 10 -3.65 5.17 10.10
C THR A 10 -3.10 6.59 9.83
N ASN A 11 -3.72 7.30 8.85
CA ASN A 11 -3.37 8.68 8.45
C ASN A 11 -1.96 8.72 7.79
N LYS A 12 -1.48 7.57 7.30
CA LYS A 12 -0.14 7.40 6.73
C LYS A 12 -0.21 7.11 5.24
N GLU A 13 0.73 7.69 4.49
CA GLU A 13 0.93 7.40 3.06
C GLU A 13 2.14 6.45 2.91
N PHE A 14 2.03 5.53 1.94
CA PHE A 14 2.99 4.43 1.72
C PHE A 14 3.47 4.50 0.28
N THR A 15 4.79 4.53 0.10
CA THR A 15 5.45 4.59 -1.21
C THR A 15 6.22 3.27 -1.42
N VAL A 16 5.79 2.45 -2.41
CA VAL A 16 6.31 1.08 -2.59
C VAL A 16 6.85 0.87 -4.03
N CYS A 17 8.03 0.24 -4.14
CA CYS A 17 8.73 0.04 -5.43
C CYS A 17 9.25 -1.40 -5.54
N ARG A 18 8.39 -2.29 -6.04
CA ARG A 18 8.76 -3.64 -6.51
C ARG A 18 9.12 -3.54 -8.03
N PRO A 19 9.95 -4.50 -8.58
CA PRO A 19 10.38 -4.44 -10.02
C PRO A 19 9.22 -4.74 -11.02
N ASN A 20 8.14 -5.36 -10.51
CA ASN A 20 6.94 -5.71 -11.30
C ASN A 20 5.66 -5.19 -10.58
N PRO A 21 4.68 -4.62 -11.35
CA PRO A 21 3.35 -4.18 -10.81
C PRO A 21 2.58 -5.32 -10.10
N GLU A 22 2.83 -6.57 -10.52
CA GLU A 22 2.20 -7.79 -9.95
C GLU A 22 2.34 -7.82 -8.41
N GLU A 23 3.59 -7.68 -7.94
CA GLU A 23 3.89 -7.68 -6.50
C GLU A 23 3.34 -6.42 -5.82
N VAL A 24 3.43 -5.26 -6.53
CA VAL A 24 2.97 -3.96 -6.01
C VAL A 24 1.47 -3.97 -5.66
N GLU A 25 0.64 -4.53 -6.57
CA GLU A 25 -0.83 -4.60 -6.41
C GLU A 25 -1.21 -5.37 -5.13
N LYS A 26 -0.40 -6.40 -4.82
CA LYS A 26 -0.54 -7.21 -3.61
C LYS A 26 -0.22 -6.37 -2.35
N GLU A 27 0.87 -5.59 -2.41
CA GLU A 27 1.33 -4.77 -1.26
C GLU A 27 0.33 -3.66 -0.96
N ALA A 28 -0.21 -3.08 -2.04
CA ALA A 28 -1.14 -1.96 -1.97
C ALA A 28 -2.46 -2.37 -1.33
N ARG A 29 -3.05 -3.46 -1.85
CA ARG A 29 -4.36 -3.94 -1.37
C ARG A 29 -4.27 -4.49 0.06
N ARG A 30 -3.12 -5.13 0.39
CA ARG A 30 -2.93 -5.73 1.72
C ARG A 30 -2.69 -4.66 2.78
N THR A 31 -1.73 -3.74 2.53
CA THR A 31 -1.33 -2.70 3.52
C THR A 31 -2.52 -1.79 3.88
N LYS A 32 -3.28 -1.36 2.85
CA LYS A 32 -4.47 -0.50 3.02
C LYS A 32 -5.51 -1.18 3.94
N GLU A 33 -5.74 -2.49 3.74
CA GLU A 33 -6.65 -3.28 4.59
C GLU A 33 -6.03 -3.53 5.98
N GLU A 34 -4.70 -3.70 6.04
CA GLU A 34 -3.96 -4.03 7.27
C GLU A 34 -4.04 -2.90 8.29
N GLU A 35 -4.07 -1.67 7.81
CA GLU A 35 -4.21 -0.49 8.67
C GLU A 35 -5.67 -0.28 9.10
N CYS A 36 -6.62 -0.81 8.30
CA CYS A 36 -8.07 -0.58 8.50
C CYS A 36 -8.77 -1.73 9.24
N ARG A 37 -8.12 -2.90 9.35
CA ARG A 37 -8.74 -4.09 9.99
C ARG A 37 -8.60 -4.07 11.53
N LYS A 38 -8.14 -2.94 12.09
CA LYS A 38 -8.01 -2.76 13.54
C LYS A 38 -9.41 -2.79 14.21
N GLN A 1 7.05 5.66 -10.71
CA GLN A 1 8.29 5.57 -9.90
C GLN A 1 7.91 5.34 -8.43
N CYS A 2 7.84 4.05 -8.02
CA CYS A 2 7.47 3.61 -6.66
C CYS A 2 6.00 4.01 -6.32
N TYR A 3 5.11 3.00 -6.22
CA TYR A 3 3.66 3.20 -6.07
C TYR A 3 3.32 3.87 -4.71
N THR A 4 2.77 5.09 -4.77
CA THR A 4 2.35 5.85 -3.59
C THR A 4 0.84 5.65 -3.34
N PHE A 5 0.44 5.40 -2.09
CA PHE A 5 -0.97 5.19 -1.70
C PHE A 5 -1.17 5.54 -0.22
N ARG A 6 -2.26 6.24 0.09
CA ARG A 6 -2.56 6.77 1.43
C ARG A 6 -3.74 6.04 2.04
N SER A 7 -3.57 5.51 3.26
CA SER A 7 -4.66 4.93 4.04
C SER A 7 -5.09 5.94 5.12
N GLU A 8 -6.40 6.25 5.11
CA GLU A 8 -7.01 7.26 6.01
C GLU A 8 -7.10 6.74 7.45
N CYS A 9 -7.25 5.42 7.60
CA CYS A 9 -7.44 4.74 8.90
C CYS A 9 -6.19 4.81 9.79
N THR A 10 -5.06 5.23 9.19
CA THR A 10 -3.77 5.34 9.88
C THR A 10 -3.21 6.75 9.69
N ASN A 11 -3.74 7.48 8.66
CA ASN A 11 -3.33 8.86 8.29
C ASN A 11 -1.96 8.88 7.54
N LYS A 12 -1.21 7.78 7.64
CA LYS A 12 0.10 7.64 7.00
C LYS A 12 -0.08 7.20 5.54
N GLU A 13 0.80 7.70 4.67
CA GLU A 13 0.90 7.23 3.28
C GLU A 13 2.08 6.26 3.17
N PHE A 14 1.97 5.34 2.21
CA PHE A 14 2.95 4.26 2.00
C PHE A 14 3.38 4.28 0.55
N THR A 15 4.69 4.19 0.32
CA THR A 15 5.26 4.12 -1.03
C THR A 15 6.07 2.83 -1.14
N VAL A 16 5.66 1.95 -2.05
CA VAL A 16 6.32 0.67 -2.27
C VAL A 16 6.88 0.63 -3.70
N CYS A 17 8.08 0.11 -3.86
CA CYS A 17 8.81 0.21 -5.12
C CYS A 17 9.22 -1.17 -5.60
N ARG A 18 8.28 -1.83 -6.30
CA ARG A 18 8.51 -3.16 -6.89
C ARG A 18 8.76 -3.00 -8.41
N PRO A 19 9.60 -3.87 -9.04
CA PRO A 19 9.92 -3.78 -10.49
C PRO A 19 8.72 -4.09 -11.41
N ASN A 20 7.68 -4.74 -10.85
CA ASN A 20 6.46 -5.12 -11.59
C ASN A 20 5.19 -4.82 -10.74
N PRO A 21 4.06 -4.38 -11.39
CA PRO A 21 2.79 -4.07 -10.70
C PRO A 21 2.11 -5.30 -10.08
N GLU A 22 2.50 -6.52 -10.53
CA GLU A 22 1.97 -7.79 -9.99
C GLU A 22 2.31 -7.94 -8.49
N GLU A 23 3.56 -7.61 -8.14
CA GLU A 23 4.01 -7.53 -6.74
C GLU A 23 3.33 -6.36 -6.03
N VAL A 24 3.26 -5.19 -6.70
CA VAL A 24 2.69 -3.95 -6.15
C VAL A 24 1.22 -4.15 -5.70
N GLU A 25 0.45 -4.97 -6.45
CA GLU A 25 -0.95 -5.28 -6.10
C GLU A 25 -1.03 -5.87 -4.69
N LYS A 26 -0.14 -6.84 -4.42
CA LYS A 26 -0.02 -7.51 -3.11
C LYS A 26 0.30 -6.50 -2.01
N GLU A 27 1.31 -5.65 -2.27
CA GLU A 27 1.85 -4.68 -1.30
C GLU A 27 0.78 -3.64 -0.93
N ALA A 28 0.11 -3.12 -1.96
CA ALA A 28 -0.87 -2.05 -1.84
C ALA A 28 -2.12 -2.52 -1.09
N ARG A 29 -2.70 -3.64 -1.56
CA ARG A 29 -3.97 -4.15 -1.02
C ARG A 29 -3.82 -4.68 0.42
N ARG A 30 -2.66 -5.28 0.73
CA ARG A 30 -2.40 -5.79 2.08
C ARG A 30 -2.18 -4.66 3.07
N THR A 31 -1.27 -3.72 2.72
CA THR A 31 -0.91 -2.60 3.62
C THR A 31 -2.13 -1.68 3.90
N LYS A 32 -2.94 -1.42 2.86
CA LYS A 32 -4.17 -0.59 2.97
C LYS A 32 -5.21 -1.26 3.90
N GLU A 33 -5.56 -2.54 3.61
CA GLU A 33 -6.63 -3.26 4.35
C GLU A 33 -6.30 -3.40 5.84
N GLU A 34 -5.04 -3.76 6.16
CA GLU A 34 -4.60 -4.04 7.55
C GLU A 34 -4.79 -2.84 8.50
N GLU A 35 -4.73 -1.62 7.94
CA GLU A 35 -4.90 -0.39 8.73
C GLU A 35 -6.39 -0.14 9.07
N CYS A 36 -7.30 -0.70 8.25
CA CYS A 36 -8.76 -0.46 8.37
C CYS A 36 -9.56 -1.70 8.83
N ARG A 37 -8.97 -2.90 8.76
CA ARG A 37 -9.72 -4.18 8.92
C ARG A 37 -9.89 -4.62 10.38
N LYS A 38 -9.29 -3.86 11.32
CA LYS A 38 -9.19 -4.22 12.75
C LYS A 38 -8.26 -5.46 12.93
N GLN A 1 7.81 2.78 -11.26
CA GLN A 1 7.80 3.88 -10.28
C GLN A 1 7.20 3.39 -8.95
N CYS A 2 7.76 3.88 -7.84
CA CYS A 2 7.33 3.51 -6.48
C CYS A 2 5.90 4.02 -6.20
N TYR A 3 4.96 3.09 -6.00
CA TYR A 3 3.54 3.39 -5.81
C TYR A 3 3.30 4.04 -4.43
N THR A 4 2.93 5.31 -4.44
CA THR A 4 2.53 6.04 -3.23
C THR A 4 0.99 6.03 -3.12
N PHE A 5 0.49 5.51 -1.99
CA PHE A 5 -0.94 5.41 -1.66
C PHE A 5 -1.10 5.73 -0.18
N ARG A 6 -2.12 6.53 0.15
CA ARG A 6 -2.40 6.95 1.53
C ARG A 6 -3.63 6.19 2.04
N SER A 7 -3.56 5.67 3.27
CA SER A 7 -4.69 5.03 3.94
C SER A 7 -5.26 6.02 4.96
N GLU A 8 -6.51 6.48 4.73
CA GLU A 8 -7.25 7.35 5.68
C GLU A 8 -7.40 6.63 7.04
N CYS A 9 -7.50 5.29 6.96
CA CYS A 9 -7.71 4.38 8.10
C CYS A 9 -6.63 4.51 9.21
N THR A 10 -5.43 4.96 8.82
CA THR A 10 -4.27 5.08 9.72
C THR A 10 -3.70 6.50 9.63
N ASN A 11 -4.15 7.24 8.57
CA ASN A 11 -3.76 8.63 8.23
C ASN A 11 -2.40 8.68 7.46
N LYS A 12 -1.49 7.71 7.71
CA LYS A 12 -0.15 7.66 7.04
C LYS A 12 -0.26 7.27 5.55
N GLU A 13 0.70 7.83 4.78
CA GLU A 13 0.93 7.48 3.37
C GLU A 13 2.03 6.39 3.29
N PHE A 14 2.00 5.60 2.22
CA PHE A 14 2.92 4.47 1.99
C PHE A 14 3.50 4.59 0.58
N THR A 15 4.71 4.06 0.39
CA THR A 15 5.39 4.05 -0.90
C THR A 15 6.10 2.69 -1.04
N VAL A 16 5.82 1.96 -2.13
CA VAL A 16 6.40 0.62 -2.37
C VAL A 16 7.01 0.53 -3.78
N CYS A 17 8.32 0.26 -3.83
CA CYS A 17 9.10 0.14 -5.05
C CYS A 17 9.17 -1.33 -5.46
N ARG A 18 8.37 -1.71 -6.46
CA ARG A 18 8.31 -3.10 -6.99
C ARG A 18 8.40 -3.07 -8.53
N PRO A 19 9.33 -3.87 -9.17
CA PRO A 19 9.47 -3.91 -10.65
C PRO A 19 8.27 -4.57 -11.34
N ASN A 20 7.49 -5.34 -10.57
CA ASN A 20 6.21 -5.92 -11.01
C ASN A 20 5.04 -5.12 -10.44
N PRO A 21 4.06 -4.68 -11.30
CA PRO A 21 2.75 -4.18 -10.84
C PRO A 21 1.98 -5.30 -10.08
N GLU A 22 2.31 -6.58 -10.42
CA GLU A 22 1.86 -7.78 -9.68
C GLU A 22 2.21 -7.68 -8.19
N GLU A 23 3.48 -7.34 -7.90
CA GLU A 23 3.97 -7.18 -6.53
C GLU A 23 3.45 -5.90 -5.88
N VAL A 24 3.34 -4.80 -6.66
CA VAL A 24 2.81 -3.51 -6.14
C VAL A 24 1.40 -3.71 -5.56
N GLU A 25 0.49 -4.27 -6.38
CA GLU A 25 -0.93 -4.46 -5.99
C GLU A 25 -1.02 -5.48 -4.83
N LYS A 26 -0.07 -6.43 -4.79
CA LYS A 26 0.02 -7.47 -3.74
C LYS A 26 0.39 -6.86 -2.37
N GLU A 27 1.32 -5.89 -2.38
CA GLU A 27 1.73 -5.20 -1.15
C GLU A 27 0.65 -4.18 -0.76
N ALA A 28 0.11 -3.50 -1.78
CA ALA A 28 -0.84 -2.39 -1.62
C ALA A 28 -2.17 -2.87 -1.05
N ARG A 29 -2.65 -4.04 -1.53
CA ARG A 29 -3.96 -4.62 -1.12
C ARG A 29 -3.94 -5.02 0.35
N ARG A 30 -2.81 -5.60 0.81
CA ARG A 30 -2.64 -6.05 2.20
C ARG A 30 -2.38 -4.89 3.13
N THR A 31 -1.42 -4.00 2.76
CA THR A 31 -1.03 -2.84 3.59
C THR A 31 -2.25 -1.93 3.86
N LYS A 32 -2.98 -1.57 2.77
CA LYS A 32 -4.17 -0.71 2.85
C LYS A 32 -5.22 -1.26 3.84
N GLU A 33 -5.59 -2.53 3.66
CA GLU A 33 -6.65 -3.18 4.44
C GLU A 33 -6.21 -3.50 5.87
N GLU A 34 -4.88 -3.73 6.05
CA GLU A 34 -4.30 -4.05 7.37
C GLU A 34 -4.38 -2.83 8.29
N GLU A 35 -4.18 -1.64 7.69
CA GLU A 35 -4.32 -0.35 8.36
C GLU A 35 -5.82 -0.03 8.62
N CYS A 36 -6.71 -0.65 7.82
CA CYS A 36 -8.17 -0.47 7.92
C CYS A 36 -8.81 -1.56 8.83
N ARG A 37 -7.95 -2.37 9.49
CA ARG A 37 -8.37 -3.37 10.49
C ARG A 37 -7.39 -3.30 11.69
N LYS A 38 -7.49 -4.27 12.61
CA LYS A 38 -6.61 -4.36 13.78
C LYS A 38 -6.46 -5.85 14.21
N GLN A 1 8.51 1.31 -10.33
CA GLN A 1 7.40 2.17 -9.89
C GLN A 1 7.23 2.10 -8.36
N CYS A 2 7.71 3.16 -7.68
CA CYS A 2 7.50 3.37 -6.25
C CYS A 2 6.08 3.90 -6.00
N TYR A 3 5.13 2.96 -5.88
CA TYR A 3 3.70 3.27 -5.78
C TYR A 3 3.36 3.85 -4.41
N THR A 4 2.74 5.03 -4.41
CA THR A 4 2.34 5.75 -3.20
C THR A 4 0.81 5.62 -3.01
N PHE A 5 0.40 5.11 -1.82
CA PHE A 5 -1.01 4.86 -1.47
C PHE A 5 -1.19 5.18 0.02
N ARG A 6 -2.30 5.85 0.35
CA ARG A 6 -2.52 6.46 1.67
C ARG A 6 -3.75 5.84 2.31
N SER A 7 -3.55 5.16 3.45
CA SER A 7 -4.65 4.52 4.19
C SER A 7 -5.39 5.57 5.04
N GLU A 8 -6.73 5.61 4.88
CA GLU A 8 -7.63 6.48 5.66
C GLU A 8 -7.61 6.11 7.15
N CYS A 9 -7.29 4.83 7.41
CA CYS A 9 -7.30 4.22 8.75
C CYS A 9 -6.04 4.56 9.58
N THR A 10 -5.16 5.43 9.04
CA THR A 10 -3.92 5.86 9.71
C THR A 10 -3.52 7.29 9.27
N ASN A 11 -4.14 7.76 8.16
CA ASN A 11 -3.92 9.11 7.56
C ASN A 11 -2.49 9.26 6.96
N LYS A 12 -1.79 8.11 6.78
CA LYS A 12 -0.39 8.06 6.34
C LYS A 12 -0.26 7.38 4.97
N GLU A 13 0.69 7.86 4.15
CA GLU A 13 0.99 7.29 2.83
C GLU A 13 2.07 6.20 2.94
N PHE A 14 2.07 5.28 1.96
CA PHE A 14 2.96 4.11 1.90
C PHE A 14 3.54 4.02 0.49
N THR A 15 4.86 3.88 0.39
CA THR A 15 5.55 3.79 -0.90
C THR A 15 6.22 2.42 -1.04
N VAL A 16 5.77 1.62 -2.03
CA VAL A 16 6.35 0.28 -2.29
C VAL A 16 7.02 0.27 -3.68
N CYS A 17 8.34 0.07 -3.67
CA CYS A 17 9.17 0.05 -4.88
C CYS A 17 9.40 -1.39 -5.33
N ARG A 18 8.37 -1.97 -5.98
CA ARG A 18 8.44 -3.34 -6.53
C ARG A 18 8.82 -3.25 -8.02
N PRO A 19 9.74 -4.15 -8.52
CA PRO A 19 10.16 -4.21 -9.95
C PRO A 19 8.99 -4.32 -10.96
N ASN A 20 7.87 -4.93 -10.55
CA ASN A 20 6.69 -5.13 -11.42
C ASN A 20 5.37 -4.76 -10.68
N PRO A 21 4.33 -4.25 -11.42
CA PRO A 21 3.02 -3.83 -10.85
C PRO A 21 2.23 -4.97 -10.17
N GLU A 22 2.50 -6.24 -10.56
CA GLU A 22 1.81 -7.43 -9.98
C GLU A 22 2.06 -7.50 -8.47
N GLU A 23 3.36 -7.37 -8.09
CA GLU A 23 3.79 -7.33 -6.68
C GLU A 23 3.19 -6.10 -5.98
N VAL A 24 3.24 -4.94 -6.67
CA VAL A 24 2.74 -3.64 -6.17
C VAL A 24 1.27 -3.73 -5.70
N GLU A 25 0.40 -4.32 -6.55
CA GLU A 25 -1.05 -4.44 -6.29
C GLU A 25 -1.31 -5.33 -5.07
N LYS A 26 -0.58 -6.46 -5.03
CA LYS A 26 -0.60 -7.44 -3.93
C LYS A 26 -0.18 -6.80 -2.59
N GLU A 27 0.78 -5.86 -2.67
CA GLU A 27 1.30 -5.12 -1.51
C GLU A 27 0.32 -4.02 -1.10
N ALA A 28 -0.22 -3.32 -2.11
CA ALA A 28 -0.99 -2.09 -1.92
C ALA A 28 -2.28 -2.36 -1.15
N ARG A 29 -3.06 -3.32 -1.65
CA ARG A 29 -4.37 -3.70 -1.09
C ARG A 29 -4.24 -4.23 0.35
N ARG A 30 -3.16 -4.99 0.61
CA ARG A 30 -2.90 -5.59 1.93
C ARG A 30 -2.50 -4.52 2.94
N THR A 31 -1.58 -3.61 2.54
CA THR A 31 -1.04 -2.54 3.42
C THR A 31 -2.13 -1.49 3.79
N LYS A 32 -3.04 -1.26 2.84
CA LYS A 32 -4.22 -0.38 3.03
C LYS A 32 -5.16 -0.98 4.09
N GLU A 33 -5.50 -2.28 3.90
CA GLU A 33 -6.39 -3.03 4.80
C GLU A 33 -5.70 -3.35 6.14
N GLU A 34 -4.35 -3.40 6.14
CA GLU A 34 -3.53 -3.68 7.34
C GLU A 34 -3.84 -2.69 8.46
N GLU A 35 -3.87 -1.41 8.07
CA GLU A 35 -4.14 -0.28 8.97
C GLU A 35 -5.62 -0.26 9.42
N CYS A 36 -6.50 -0.93 8.66
CA CYS A 36 -7.94 -0.95 8.90
C CYS A 36 -8.37 -2.21 9.68
N ARG A 37 -7.51 -3.26 9.68
CA ARG A 37 -7.83 -4.56 10.29
C ARG A 37 -7.21 -4.65 11.70
N LYS A 38 -7.86 -5.44 12.56
CA LYS A 38 -7.45 -5.69 13.94
C LYS A 38 -6.92 -7.15 14.02
N GLN A 1 7.60 4.11 -10.18
CA GLN A 1 7.94 2.71 -9.80
C GLN A 1 7.57 2.49 -8.32
N CYS A 2 8.16 3.31 -7.43
CA CYS A 2 7.87 3.32 -5.99
C CYS A 2 6.50 3.99 -5.76
N TYR A 3 5.47 3.14 -5.62
CA TYR A 3 4.06 3.56 -5.59
C TYR A 3 3.71 4.31 -4.30
N THR A 4 2.99 5.43 -4.45
CA THR A 4 2.41 6.17 -3.31
C THR A 4 0.92 5.79 -3.18
N PHE A 5 0.53 5.42 -1.95
CA PHE A 5 -0.85 5.00 -1.64
C PHE A 5 -1.14 5.30 -0.17
N ARG A 6 -2.34 5.81 0.10
CA ARG A 6 -2.73 6.29 1.44
C ARG A 6 -3.94 5.50 1.95
N SER A 7 -3.78 4.83 3.11
CA SER A 7 -4.90 4.22 3.80
C SER A 7 -5.66 5.31 4.57
N GLU A 8 -6.99 5.27 4.47
CA GLU A 8 -7.88 6.29 5.04
C GLU A 8 -8.02 6.10 6.56
N CYS A 9 -8.01 4.83 6.99
CA CYS A 9 -8.22 4.43 8.40
C CYS A 9 -6.99 4.76 9.29
N THR A 10 -5.85 5.09 8.65
CA THR A 10 -4.61 5.48 9.35
C THR A 10 -4.28 6.94 9.01
N ASN A 11 -4.79 7.39 7.84
CA ASN A 11 -4.55 8.74 7.29
C ASN A 11 -3.04 8.95 7.05
N LYS A 12 -2.41 7.92 6.43
CA LYS A 12 -0.95 7.91 6.21
C LYS A 12 -0.62 7.25 4.86
N GLU A 13 0.35 7.84 4.13
CA GLU A 13 0.81 7.34 2.82
C GLU A 13 1.97 6.36 3.02
N PHE A 14 2.11 5.44 2.07
CA PHE A 14 3.13 4.38 2.08
C PHE A 14 3.80 4.36 0.69
N THR A 15 4.95 3.69 0.59
CA THR A 15 5.74 3.60 -0.63
C THR A 15 6.34 2.20 -0.79
N VAL A 16 6.02 1.51 -1.91
CA VAL A 16 6.57 0.17 -2.22
C VAL A 16 7.07 0.12 -3.69
N CYS A 17 8.33 -0.27 -3.87
CA CYS A 17 8.99 -0.45 -5.16
C CYS A 17 9.16 -1.95 -5.43
N ARG A 18 8.37 -2.48 -6.36
CA ARG A 18 8.43 -3.89 -6.79
C ARG A 18 8.77 -3.96 -8.29
N PRO A 19 9.56 -5.01 -8.75
CA PRO A 19 10.02 -5.14 -10.16
C PRO A 19 8.88 -5.04 -11.22
N ASN A 20 7.65 -5.36 -10.80
CA ASN A 20 6.46 -5.26 -11.66
C ASN A 20 5.31 -4.54 -10.90
N PRO A 21 4.31 -3.93 -11.61
CA PRO A 21 3.11 -3.32 -10.97
C PRO A 21 2.24 -4.36 -10.23
N GLU A 22 2.40 -5.65 -10.59
CA GLU A 22 1.58 -6.76 -10.06
C GLU A 22 1.77 -6.94 -8.54
N GLU A 23 3.03 -7.10 -8.13
CA GLU A 23 3.41 -7.24 -6.71
C GLU A 23 3.05 -5.97 -5.93
N VAL A 24 3.20 -4.80 -6.59
CA VAL A 24 2.84 -3.50 -6.01
C VAL A 24 1.36 -3.49 -5.59
N GLU A 25 0.47 -3.90 -6.51
CA GLU A 25 -0.99 -3.98 -6.27
C GLU A 25 -1.30 -4.88 -5.07
N LYS A 26 -0.62 -6.03 -5.03
CA LYS A 26 -0.81 -7.06 -3.98
C LYS A 26 -0.33 -6.56 -2.62
N GLU A 27 0.78 -5.80 -2.59
CA GLU A 27 1.35 -5.26 -1.35
C GLU A 27 0.55 -4.04 -0.89
N ALA A 28 0.10 -3.22 -1.85
CA ALA A 28 -0.53 -1.93 -1.59
C ALA A 28 -1.92 -2.10 -0.99
N ARG A 29 -2.66 -3.12 -1.47
CA ARG A 29 -3.98 -3.44 -0.90
C ARG A 29 -3.83 -3.94 0.56
N ARG A 30 -2.86 -4.85 0.79
CA ARG A 30 -2.68 -5.52 2.08
C ARG A 30 -2.19 -4.54 3.15
N THR A 31 -1.23 -3.67 2.77
CA THR A 31 -0.65 -2.66 3.68
C THR A 31 -1.77 -1.73 4.22
N LYS A 32 -2.65 -1.27 3.31
CA LYS A 32 -3.72 -0.33 3.64
C LYS A 32 -4.85 -0.99 4.46
N GLU A 33 -5.20 -2.25 4.10
CA GLU A 33 -6.24 -3.03 4.82
C GLU A 33 -5.78 -3.41 6.23
N GLU A 34 -4.45 -3.58 6.40
CA GLU A 34 -3.83 -3.98 7.68
C GLU A 34 -3.95 -2.84 8.72
N GLU A 35 -3.88 -1.61 8.21
CA GLU A 35 -4.09 -0.39 8.99
C GLU A 35 -5.53 -0.33 9.55
N CYS A 36 -6.48 -0.82 8.74
CA CYS A 36 -7.91 -0.80 9.07
C CYS A 36 -8.33 -1.96 10.01
N ARG A 37 -7.33 -2.71 10.55
CA ARG A 37 -7.55 -3.83 11.49
C ARG A 37 -6.33 -4.03 12.44
N LYS A 38 -5.49 -2.98 12.62
CA LYS A 38 -4.27 -3.07 13.46
C LYS A 38 -4.64 -3.12 14.97
N GLN A 1 7.31 1.24 -10.73
CA GLN A 1 7.61 2.49 -10.00
C GLN A 1 7.26 2.31 -8.51
N CYS A 2 7.87 3.15 -7.65
CA CYS A 2 7.56 3.19 -6.20
C CYS A 2 6.15 3.77 -5.97
N TYR A 3 5.16 2.87 -5.88
CA TYR A 3 3.74 3.21 -5.76
C TYR A 3 3.44 3.85 -4.40
N THR A 4 2.89 5.06 -4.42
CA THR A 4 2.53 5.82 -3.23
C THR A 4 0.98 5.83 -3.09
N PHE A 5 0.48 5.50 -1.89
CA PHE A 5 -0.96 5.34 -1.62
C PHE A 5 -1.25 5.69 -0.16
N ARG A 6 -2.33 6.43 0.07
CA ARG A 6 -2.66 6.97 1.40
C ARG A 6 -3.86 6.23 1.99
N SER A 7 -3.64 5.65 3.18
CA SER A 7 -4.70 5.03 3.97
C SER A 7 -5.29 6.07 4.91
N GLU A 8 -6.60 6.31 4.78
CA GLU A 8 -7.38 7.09 5.76
C GLU A 8 -7.33 6.38 7.13
N CYS A 9 -7.34 5.04 7.06
CA CYS A 9 -7.13 4.16 8.22
C CYS A 9 -5.64 4.21 8.62
N THR A 10 -5.35 5.06 9.64
CA THR A 10 -4.00 5.40 10.20
C THR A 10 -3.62 6.84 9.80
N ASN A 11 -4.12 7.29 8.63
CA ASN A 11 -4.04 8.69 8.15
C ASN A 11 -2.58 9.07 7.71
N LYS A 12 -1.88 8.08 7.11
CA LYS A 12 -0.57 8.29 6.43
C LYS A 12 -0.58 7.63 5.05
N GLU A 13 0.43 7.97 4.24
CA GLU A 13 0.69 7.32 2.93
C GLU A 13 1.93 6.43 3.02
N PHE A 14 1.94 5.41 2.16
CA PHE A 14 2.96 4.36 2.10
C PHE A 14 3.54 4.31 0.69
N THR A 15 4.81 3.90 0.57
CA THR A 15 5.51 3.83 -0.71
C THR A 15 6.19 2.47 -0.84
N VAL A 16 5.82 1.69 -1.87
CA VAL A 16 6.36 0.35 -2.09
C VAL A 16 7.00 0.25 -3.48
N CYS A 17 8.31 -0.03 -3.48
CA CYS A 17 9.13 -0.12 -4.69
C CYS A 17 9.24 -1.58 -5.11
N ARG A 18 8.34 -2.02 -6.00
CA ARG A 18 8.39 -3.36 -6.60
C ARG A 18 8.70 -3.19 -8.10
N PRO A 19 9.51 -4.10 -8.72
CA PRO A 19 9.94 -3.95 -10.14
C PRO A 19 8.83 -4.26 -11.16
N ASN A 20 7.72 -4.85 -10.66
CA ASN A 20 6.55 -5.23 -11.47
C ASN A 20 5.24 -4.76 -10.79
N PRO A 21 4.15 -4.53 -11.60
CA PRO A 21 2.80 -4.23 -11.05
C PRO A 21 2.26 -5.35 -10.13
N GLU A 22 2.67 -6.61 -10.42
CA GLU A 22 2.16 -7.82 -9.74
C GLU A 22 2.30 -7.74 -8.21
N GLU A 23 3.53 -7.49 -7.73
CA GLU A 23 3.81 -7.36 -6.30
C GLU A 23 3.18 -6.08 -5.74
N VAL A 24 3.11 -4.99 -6.54
CA VAL A 24 2.46 -3.73 -6.12
C VAL A 24 0.95 -3.94 -5.91
N GLU A 25 0.31 -4.83 -6.72
CA GLU A 25 -1.14 -5.11 -6.59
C GLU A 25 -1.44 -5.71 -5.22
N LYS A 26 -0.61 -6.68 -4.82
CA LYS A 26 -0.71 -7.35 -3.52
C LYS A 26 -0.40 -6.34 -2.40
N GLU A 27 0.78 -5.71 -2.49
CA GLU A 27 1.32 -4.80 -1.45
C GLU A 27 0.38 -3.63 -1.16
N ALA A 28 -0.19 -3.03 -2.22
CA ALA A 28 -1.04 -1.84 -2.08
C ALA A 28 -2.28 -2.16 -1.28
N ARG A 29 -3.04 -3.18 -1.74
CA ARG A 29 -4.32 -3.54 -1.10
C ARG A 29 -4.08 -4.15 0.29
N ARG A 30 -3.05 -5.00 0.42
CA ARG A 30 -2.73 -5.70 1.67
C ARG A 30 -2.35 -4.72 2.80
N THR A 31 -1.48 -3.73 2.48
CA THR A 31 -1.02 -2.70 3.44
C THR A 31 -2.18 -1.79 3.89
N LYS A 32 -3.03 -1.41 2.91
CA LYS A 32 -4.23 -0.58 3.14
C LYS A 32 -5.22 -1.29 4.10
N GLU A 33 -5.45 -2.58 3.82
CA GLU A 33 -6.33 -3.44 4.64
C GLU A 33 -5.71 -3.68 6.02
N GLU A 34 -4.37 -3.84 6.07
CA GLU A 34 -3.61 -4.20 7.28
C GLU A 34 -3.72 -3.11 8.35
N GLU A 35 -3.56 -1.87 7.89
CA GLU A 35 -3.72 -0.66 8.74
C GLU A 35 -5.19 -0.41 9.10
N CYS A 36 -6.12 -1.01 8.35
CA CYS A 36 -7.57 -0.79 8.50
C CYS A 36 -8.29 -2.06 9.04
N ARG A 37 -7.52 -3.01 9.64
CA ARG A 37 -8.08 -4.26 10.21
C ARG A 37 -7.39 -4.61 11.54
N LYS A 38 -7.91 -5.64 12.21
CA LYS A 38 -7.22 -6.32 13.32
C LYS A 38 -6.37 -7.49 12.73
N GLN A 1 7.52 3.86 -11.33
CA GLN A 1 8.19 4.36 -10.11
C GLN A 1 7.63 3.61 -8.88
N CYS A 2 7.95 4.08 -7.65
CA CYS A 2 7.33 3.56 -6.41
C CYS A 2 5.86 4.02 -6.33
N TYR A 3 4.95 3.07 -6.02
CA TYR A 3 3.50 3.34 -5.87
C TYR A 3 3.24 4.20 -4.62
N THR A 4 2.50 5.29 -4.80
CA THR A 4 2.15 6.22 -3.73
C THR A 4 0.63 6.10 -3.43
N PHE A 5 0.30 5.72 -2.18
CA PHE A 5 -1.08 5.46 -1.73
C PHE A 5 -1.17 5.75 -0.21
N ARG A 6 -2.29 6.34 0.22
CA ARG A 6 -2.45 6.83 1.60
C ARG A 6 -3.62 6.12 2.28
N SER A 7 -3.41 5.70 3.52
CA SER A 7 -4.47 5.16 4.41
C SER A 7 -5.39 6.28 4.92
N GLU A 8 -6.59 5.89 5.38
CA GLU A 8 -7.56 6.80 6.04
C GLU A 8 -7.68 6.42 7.53
N CYS A 9 -7.76 5.11 7.78
CA CYS A 9 -7.94 4.54 9.14
C CYS A 9 -6.75 4.86 10.08
N THR A 10 -5.55 5.00 9.50
CA THR A 10 -4.32 5.35 10.24
C THR A 10 -3.80 6.70 9.74
N ASN A 11 -4.13 7.03 8.46
CA ASN A 11 -3.85 8.35 7.83
C ASN A 11 -2.37 8.48 7.36
N LYS A 12 -1.59 7.38 7.50
CA LYS A 12 -0.19 7.32 7.01
C LYS A 12 -0.19 7.14 5.48
N GLU A 13 0.69 7.87 4.76
CA GLU A 13 0.92 7.66 3.30
C GLU A 13 2.09 6.68 3.09
N PHE A 14 2.05 5.92 1.99
CA PHE A 14 3.00 4.82 1.74
C PHE A 14 3.64 4.95 0.37
N THR A 15 4.86 4.43 0.26
CA THR A 15 5.67 4.43 -0.96
C THR A 15 6.40 3.07 -1.06
N VAL A 16 6.05 2.25 -2.08
CA VAL A 16 6.61 0.88 -2.23
C VAL A 16 7.01 0.62 -3.70
N CYS A 17 8.27 0.19 -3.90
CA CYS A 17 8.79 -0.20 -5.22
C CYS A 17 8.92 -1.72 -5.32
N ARG A 18 8.44 -2.25 -6.45
CA ARG A 18 8.60 -3.65 -6.85
C ARG A 18 9.01 -3.68 -8.33
N PRO A 19 9.82 -4.70 -8.78
CA PRO A 19 10.29 -4.81 -10.19
C PRO A 19 9.16 -5.16 -11.20
N ASN A 20 7.91 -5.26 -10.70
CA ASN A 20 6.71 -5.40 -11.55
C ASN A 20 5.45 -4.96 -10.74
N PRO A 21 4.47 -4.26 -11.40
CA PRO A 21 3.20 -3.81 -10.75
C PRO A 21 2.37 -4.95 -10.12
N GLU A 22 2.61 -6.21 -10.56
CA GLU A 22 1.89 -7.41 -10.05
C GLU A 22 2.08 -7.56 -8.53
N GLU A 23 3.35 -7.46 -8.09
CA GLU A 23 3.69 -7.51 -6.65
C GLU A 23 3.16 -6.28 -5.91
N VAL A 24 3.13 -5.13 -6.61
CA VAL A 24 2.60 -3.87 -6.04
C VAL A 24 1.09 -4.00 -5.72
N GLU A 25 0.33 -4.73 -6.57
CA GLU A 25 -1.11 -4.96 -6.37
C GLU A 25 -1.37 -5.57 -4.98
N LYS A 26 -0.57 -6.60 -4.69
CA LYS A 26 -0.66 -7.39 -3.47
C LYS A 26 -0.18 -6.57 -2.25
N GLU A 27 1.00 -5.91 -2.39
CA GLU A 27 1.62 -5.09 -1.32
C GLU A 27 0.70 -3.92 -0.91
N ALA A 28 0.14 -3.26 -1.92
CA ALA A 28 -0.70 -2.07 -1.74
C ALA A 28 -2.00 -2.42 -1.02
N ARG A 29 -2.71 -3.44 -1.54
CA ARG A 29 -4.01 -3.85 -1.00
C ARG A 29 -3.86 -4.41 0.43
N ARG A 30 -2.74 -5.16 0.67
CA ARG A 30 -2.45 -5.72 1.99
C ARG A 30 -2.23 -4.60 3.01
N THR A 31 -1.43 -3.60 2.62
CA THR A 31 -1.16 -2.44 3.48
C THR A 31 -2.48 -1.70 3.83
N LYS A 32 -3.28 -1.41 2.79
CA LYS A 32 -4.59 -0.72 2.92
C LYS A 32 -5.54 -1.44 3.91
N GLU A 33 -5.66 -2.77 3.76
CA GLU A 33 -6.55 -3.61 4.59
C GLU A 33 -6.07 -3.63 6.05
N GLU A 34 -4.80 -3.99 6.24
CA GLU A 34 -4.16 -4.10 7.57
C GLU A 34 -4.14 -2.76 8.35
N GLU A 35 -4.28 -1.62 7.66
CA GLU A 35 -4.40 -0.30 8.32
C GLU A 35 -5.80 -0.08 8.91
N CYS A 36 -6.82 -0.70 8.31
CA CYS A 36 -8.21 -0.67 8.82
C CYS A 36 -8.56 -1.98 9.58
N ARG A 37 -7.62 -2.94 9.61
CA ARG A 37 -7.84 -4.27 10.18
C ARG A 37 -6.66 -4.67 11.08
N LYS A 38 -6.89 -4.55 12.41
CA LYS A 38 -5.92 -4.88 13.48
C LYS A 38 -4.68 -3.92 13.39
N GLN A 1 10.45 6.14 -7.59
CA GLN A 1 9.16 6.83 -7.43
C GLN A 1 8.33 6.14 -6.33
N CYS A 2 8.08 4.82 -6.52
CA CYS A 2 7.25 3.96 -5.64
C CYS A 2 5.75 4.34 -5.73
N TYR A 3 4.90 3.31 -5.70
CA TYR A 3 3.43 3.45 -5.73
C TYR A 3 2.97 4.21 -4.48
N THR A 4 2.54 5.45 -4.66
CA THR A 4 2.11 6.31 -3.55
C THR A 4 0.60 6.16 -3.34
N PHE A 5 0.23 5.72 -2.14
CA PHE A 5 -1.17 5.60 -1.70
C PHE A 5 -1.24 6.01 -0.24
N ARG A 6 -2.23 6.83 0.11
CA ARG A 6 -2.40 7.35 1.46
C ARG A 6 -3.69 6.82 2.08
N SER A 7 -3.57 6.32 3.30
CA SER A 7 -4.70 5.87 4.09
C SER A 7 -5.37 7.06 4.80
N GLU A 8 -6.70 6.97 4.93
CA GLU A 8 -7.50 7.85 5.79
C GLU A 8 -7.85 7.12 7.11
N CYS A 9 -7.61 5.79 7.13
CA CYS A 9 -7.91 4.93 8.29
C CYS A 9 -6.86 5.09 9.41
N THR A 10 -5.60 5.34 9.01
CA THR A 10 -4.48 5.56 9.94
C THR A 10 -3.87 6.95 9.69
N ASN A 11 -4.29 7.56 8.54
CA ASN A 11 -3.87 8.92 8.09
C ASN A 11 -2.44 8.93 7.49
N LYS A 12 -1.68 7.84 7.73
CA LYS A 12 -0.31 7.64 7.20
C LYS A 12 -0.35 7.34 5.69
N GLU A 13 0.64 7.88 4.97
CA GLU A 13 0.87 7.56 3.55
C GLU A 13 1.86 6.40 3.43
N PHE A 14 1.81 5.69 2.30
CA PHE A 14 2.64 4.50 2.05
C PHE A 14 3.18 4.57 0.62
N THR A 15 4.45 4.17 0.44
CA THR A 15 5.10 4.09 -0.88
C THR A 15 5.82 2.74 -1.00
N VAL A 16 5.53 1.96 -2.06
CA VAL A 16 6.17 0.65 -2.29
C VAL A 16 6.66 0.51 -3.76
N CYS A 17 7.97 0.30 -3.92
CA CYS A 17 8.60 -0.04 -5.20
C CYS A 17 8.80 -1.56 -5.26
N ARG A 18 8.39 -2.17 -6.38
CA ARG A 18 8.62 -3.60 -6.68
C ARG A 18 9.03 -3.73 -8.16
N PRO A 19 9.75 -4.85 -8.55
CA PRO A 19 10.25 -5.03 -9.95
C PRO A 19 9.13 -5.27 -10.99
N ASN A 20 7.91 -5.57 -10.50
CA ASN A 20 6.75 -5.88 -11.37
C ASN A 20 5.43 -5.42 -10.70
N PRO A 21 4.41 -4.97 -11.52
CA PRO A 21 3.12 -4.41 -10.99
C PRO A 21 2.33 -5.40 -10.14
N GLU A 22 2.46 -6.71 -10.45
CA GLU A 22 1.70 -7.78 -9.79
C GLU A 22 2.03 -7.82 -8.29
N GLU A 23 3.33 -7.61 -7.97
CA GLU A 23 3.79 -7.48 -6.59
C GLU A 23 3.21 -6.21 -5.96
N VAL A 24 3.32 -5.06 -6.66
CA VAL A 24 2.94 -3.74 -6.11
C VAL A 24 1.45 -3.67 -5.72
N GLU A 25 0.57 -4.14 -6.62
CA GLU A 25 -0.90 -4.09 -6.45
C GLU A 25 -1.33 -4.92 -5.22
N LYS A 26 -0.67 -6.07 -5.05
CA LYS A 26 -0.88 -6.93 -3.90
C LYS A 26 -0.30 -6.29 -2.63
N GLU A 27 0.89 -5.65 -2.75
CA GLU A 27 1.55 -4.95 -1.64
C GLU A 27 0.66 -3.80 -1.15
N ALA A 28 0.02 -3.11 -2.10
CA ALA A 28 -0.81 -1.95 -1.86
C ALA A 28 -2.07 -2.34 -1.09
N ARG A 29 -2.79 -3.35 -1.61
CA ARG A 29 -4.05 -3.79 -1.02
C ARG A 29 -3.81 -4.40 0.37
N ARG A 30 -2.77 -5.24 0.49
CA ARG A 30 -2.46 -5.98 1.73
C ARG A 30 -2.04 -5.02 2.86
N THR A 31 -1.26 -3.96 2.51
CA THR A 31 -0.87 -2.90 3.48
C THR A 31 -2.12 -2.15 3.98
N LYS A 32 -3.03 -1.84 3.05
CA LYS A 32 -4.25 -1.07 3.34
C LYS A 32 -5.25 -1.89 4.20
N GLU A 33 -5.38 -3.18 3.89
CA GLU A 33 -6.22 -4.14 4.65
C GLU A 33 -5.60 -4.45 6.03
N GLU A 34 -4.26 -4.32 6.13
CA GLU A 34 -3.49 -4.60 7.36
C GLU A 34 -3.83 -3.56 8.44
N GLU A 35 -3.70 -2.27 8.08
CA GLU A 35 -3.95 -1.16 9.01
C GLU A 35 -5.46 -0.83 9.15
N CYS A 36 -6.21 -0.85 8.03
CA CYS A 36 -7.62 -0.38 8.00
C CYS A 36 -8.65 -1.50 8.22
N ARG A 37 -8.21 -2.67 8.73
CA ARG A 37 -9.14 -3.75 9.13
C ARG A 37 -9.99 -3.31 10.35
N LYS A 38 -9.43 -2.41 11.17
CA LYS A 38 -10.06 -1.90 12.39
C LYS A 38 -10.19 -0.36 12.29
N GLN A 1 9.03 7.83 -8.40
CA GLN A 1 9.30 6.38 -8.21
C GLN A 1 8.50 5.85 -7.00
N CYS A 2 8.18 4.55 -7.03
CA CYS A 2 7.48 3.80 -5.96
C CYS A 2 5.98 4.19 -5.87
N TYR A 3 5.11 3.17 -5.77
CA TYR A 3 3.67 3.36 -5.61
C TYR A 3 3.37 4.07 -4.28
N THR A 4 3.06 5.37 -4.36
CA THR A 4 2.71 6.19 -3.20
C THR A 4 1.18 6.30 -3.11
N PHE A 5 0.63 5.96 -1.94
CA PHE A 5 -0.82 6.00 -1.69
C PHE A 5 -1.07 6.35 -0.21
N ARG A 6 -2.04 7.22 0.03
CA ARG A 6 -2.41 7.69 1.37
C ARG A 6 -3.81 7.18 1.68
N SER A 7 -4.00 6.63 2.88
CA SER A 7 -5.30 6.10 3.32
C SER A 7 -5.75 6.85 4.58
N GLU A 8 -7.06 7.15 4.66
CA GLU A 8 -7.66 7.87 5.81
C GLU A 8 -7.78 6.94 7.03
N CYS A 9 -7.96 5.63 6.76
CA CYS A 9 -8.05 4.57 7.79
C CYS A 9 -6.64 4.15 8.29
N THR A 10 -5.85 5.17 8.69
CA THR A 10 -4.44 5.08 9.15
C THR A 10 -3.84 6.50 9.17
N ASN A 11 -4.35 7.36 8.24
CA ASN A 11 -3.94 8.77 8.00
C ASN A 11 -2.59 8.86 7.22
N LYS A 12 -1.71 7.87 7.41
CA LYS A 12 -0.34 7.88 6.85
C LYS A 12 -0.29 7.41 5.39
N GLU A 13 0.82 7.76 4.72
CA GLU A 13 1.15 7.34 3.35
C GLU A 13 1.99 6.05 3.35
N PHE A 14 1.90 5.28 2.27
CA PHE A 14 2.70 4.06 2.04
C PHE A 14 3.33 4.16 0.66
N THR A 15 4.62 3.87 0.58
CA THR A 15 5.42 4.02 -0.64
C THR A 15 6.18 2.71 -0.86
N VAL A 16 5.86 2.00 -1.96
CA VAL A 16 6.35 0.63 -2.21
C VAL A 16 6.87 0.46 -3.66
N CYS A 17 8.16 0.09 -3.79
CA CYS A 17 8.82 -0.15 -5.09
C CYS A 17 8.99 -1.66 -5.35
N ARG A 18 8.20 -2.20 -6.28
CA ARG A 18 8.40 -3.51 -6.89
C ARG A 18 8.55 -3.31 -8.42
N PRO A 19 9.32 -4.18 -9.15
CA PRO A 19 9.58 -3.99 -10.61
C PRO A 19 8.33 -4.11 -11.50
N ASN A 20 7.29 -4.77 -10.96
CA ASN A 20 6.05 -5.07 -11.69
C ASN A 20 4.81 -4.69 -10.85
N PRO A 21 3.67 -4.27 -11.51
CA PRO A 21 2.44 -3.82 -10.81
C PRO A 21 1.77 -4.91 -9.96
N GLU A 22 1.94 -6.19 -10.35
CA GLU A 22 1.30 -7.33 -9.66
C GLU A 22 1.85 -7.50 -8.23
N GLU A 23 3.19 -7.45 -8.10
CA GLU A 23 3.86 -7.56 -6.79
C GLU A 23 3.63 -6.29 -5.95
N VAL A 24 3.52 -5.13 -6.63
CA VAL A 24 3.15 -3.86 -6.00
C VAL A 24 1.77 -3.99 -5.34
N GLU A 25 0.80 -4.54 -6.10
CA GLU A 25 -0.60 -4.73 -5.66
C GLU A 25 -0.67 -5.68 -4.48
N LYS A 26 0.10 -6.79 -4.56
CA LYS A 26 0.11 -7.83 -3.52
C LYS A 26 0.58 -7.23 -2.17
N GLU A 27 1.49 -6.25 -2.23
CA GLU A 27 1.94 -5.51 -1.05
C GLU A 27 0.88 -4.46 -0.66
N ALA A 28 0.40 -3.72 -1.67
CA ALA A 28 -0.38 -2.48 -1.49
C ALA A 28 -1.75 -2.76 -0.87
N ARG A 29 -2.51 -3.67 -1.50
CA ARG A 29 -3.89 -3.97 -1.09
C ARG A 29 -3.93 -4.65 0.28
N ARG A 30 -2.91 -5.48 0.57
CA ARG A 30 -2.81 -6.20 1.83
C ARG A 30 -2.51 -5.23 2.96
N THR A 31 -1.46 -4.39 2.77
CA THR A 31 -1.09 -3.33 3.72
C THR A 31 -2.29 -2.39 3.96
N LYS A 32 -3.03 -2.08 2.87
CA LYS A 32 -4.26 -1.29 2.91
C LYS A 32 -5.28 -1.89 3.91
N GLU A 33 -5.59 -3.19 3.75
CA GLU A 33 -6.58 -3.87 4.62
C GLU A 33 -6.07 -4.05 6.07
N GLU A 34 -4.74 -4.20 6.24
CA GLU A 34 -4.12 -4.45 7.55
C GLU A 34 -4.10 -3.20 8.44
N GLU A 35 -3.92 -2.03 7.82
CA GLU A 35 -3.95 -0.75 8.53
C GLU A 35 -5.40 -0.28 8.73
N CYS A 36 -6.25 -0.57 7.72
CA CYS A 36 -7.67 -0.12 7.69
C CYS A 36 -8.62 -1.08 8.39
N ARG A 37 -8.10 -2.18 8.95
CA ARG A 37 -8.89 -3.04 9.86
C ARG A 37 -9.05 -2.30 11.21
N LYS A 38 -8.06 -1.44 11.53
CA LYS A 38 -8.02 -0.65 12.77
C LYS A 38 -8.90 0.61 12.61
N GLN A 1 9.76 2.16 -10.33
CA GLN A 1 9.19 3.21 -9.46
C GLN A 1 8.60 2.59 -8.19
N CYS A 2 8.32 3.46 -7.22
CA CYS A 2 7.79 3.10 -5.91
C CYS A 2 6.42 3.74 -5.74
N TYR A 3 5.37 2.90 -5.57
CA TYR A 3 3.99 3.35 -5.45
C TYR A 3 3.75 3.98 -4.07
N THR A 4 3.26 5.23 -4.05
CA THR A 4 2.85 5.92 -2.84
C THR A 4 1.32 5.91 -2.78
N PHE A 5 0.77 5.35 -1.69
CA PHE A 5 -0.67 5.09 -1.57
C PHE A 5 -1.11 5.30 -0.12
N ARG A 6 -2.26 5.95 0.06
CA ARG A 6 -2.74 6.40 1.36
C ARG A 6 -3.96 5.58 1.81
N SER A 7 -3.88 4.98 2.99
CA SER A 7 -5.04 4.43 3.69
C SER A 7 -5.71 5.58 4.45
N GLU A 8 -6.86 6.04 3.95
CA GLU A 8 -7.59 7.20 4.50
C GLU A 8 -8.20 6.91 5.89
N CYS A 9 -8.44 5.63 6.18
CA CYS A 9 -8.95 5.18 7.50
C CYS A 9 -7.84 5.19 8.59
N THR A 10 -6.61 5.53 8.18
CA THR A 10 -5.48 5.80 9.10
C THR A 10 -4.91 7.20 8.79
N ASN A 11 -5.26 7.70 7.59
CA ASN A 11 -4.81 9.00 7.04
C ASN A 11 -3.27 9.00 6.82
N LYS A 12 -2.68 7.78 6.68
CA LYS A 12 -1.24 7.58 6.47
C LYS A 12 -0.99 7.07 5.06
N GLU A 13 0.00 7.68 4.37
CA GLU A 13 0.49 7.21 3.09
C GLU A 13 1.67 6.23 3.29
N PHE A 14 1.82 5.29 2.36
CA PHE A 14 2.86 4.25 2.37
C PHE A 14 3.61 4.35 1.03
N THR A 15 4.79 3.74 0.95
CA THR A 15 5.53 3.64 -0.33
C THR A 15 6.16 2.24 -0.43
N VAL A 16 5.96 1.55 -1.56
CA VAL A 16 6.55 0.22 -1.80
C VAL A 16 7.23 0.19 -3.18
N CYS A 17 8.41 -0.44 -3.24
CA CYS A 17 9.23 -0.50 -4.45
C CYS A 17 9.27 -1.94 -4.97
N ARG A 18 8.47 -2.22 -6.00
CA ARG A 18 8.38 -3.55 -6.64
C ARG A 18 8.58 -3.41 -8.16
N PRO A 19 9.35 -4.36 -8.80
CA PRO A 19 9.65 -4.31 -10.25
C PRO A 19 8.41 -4.55 -11.15
N ASN A 20 7.36 -5.19 -10.59
CA ASN A 20 6.09 -5.46 -11.31
C ASN A 20 4.92 -4.76 -10.63
N PRO A 21 3.93 -4.20 -11.42
CA PRO A 21 2.62 -3.77 -10.90
C PRO A 21 1.86 -4.95 -10.27
N GLU A 22 2.18 -6.18 -10.72
CA GLU A 22 1.63 -7.43 -10.16
C GLU A 22 1.85 -7.43 -8.63
N GLU A 23 3.12 -7.26 -8.25
CA GLU A 23 3.54 -7.20 -6.85
C GLU A 23 3.00 -5.94 -6.16
N VAL A 24 3.08 -4.77 -6.85
CA VAL A 24 2.66 -3.48 -6.27
C VAL A 24 1.20 -3.50 -5.78
N GLU A 25 0.28 -4.04 -6.62
CA GLU A 25 -1.18 -4.09 -6.31
C GLU A 25 -1.45 -5.02 -5.11
N LYS A 26 -0.64 -6.08 -5.02
CA LYS A 26 -0.65 -7.04 -3.91
C LYS A 26 -0.23 -6.33 -2.62
N GLU A 27 0.85 -5.54 -2.71
CA GLU A 27 1.39 -4.79 -1.56
C GLU A 27 0.45 -3.63 -1.19
N ALA A 28 -0.19 -3.05 -2.22
CA ALA A 28 -1.03 -1.85 -2.08
C ALA A 28 -2.25 -2.16 -1.22
N ARG A 29 -2.98 -3.24 -1.58
CA ARG A 29 -4.19 -3.64 -0.87
C ARG A 29 -3.83 -4.13 0.54
N ARG A 30 -2.88 -5.08 0.66
CA ARG A 30 -2.57 -5.77 1.92
C ARG A 30 -2.01 -4.80 2.99
N THR A 31 -1.15 -3.85 2.57
CA THR A 31 -0.57 -2.86 3.49
C THR A 31 -1.67 -1.94 4.05
N LYS A 32 -2.51 -1.38 3.14
CA LYS A 32 -3.59 -0.46 3.53
C LYS A 32 -4.53 -1.14 4.52
N GLU A 33 -5.03 -2.34 4.11
CA GLU A 33 -6.03 -3.12 4.87
C GLU A 33 -5.52 -3.45 6.28
N GLU A 34 -4.30 -4.00 6.36
CA GLU A 34 -3.70 -4.46 7.63
C GLU A 34 -3.54 -3.29 8.62
N GLU A 35 -3.13 -2.12 8.09
CA GLU A 35 -3.07 -0.86 8.87
C GLU A 35 -4.47 -0.33 9.19
N CYS A 36 -5.44 -0.59 8.29
CA CYS A 36 -6.80 -0.01 8.38
C CYS A 36 -7.68 -0.78 9.36
N ARG A 37 -7.30 -2.02 9.70
CA ARG A 37 -8.13 -2.90 10.53
C ARG A 37 -7.26 -3.75 11.49
N LYS A 38 -7.94 -4.68 12.15
CA LYS A 38 -7.35 -5.65 13.07
C LYS A 38 -6.94 -6.95 12.32
N GLN A 1 10.05 5.19 -10.32
CA GLN A 1 8.61 5.23 -9.96
C GLN A 1 8.31 4.16 -8.90
N CYS A 2 7.55 4.56 -7.88
CA CYS A 2 7.15 3.69 -6.76
C CYS A 2 5.71 4.05 -6.36
N TYR A 3 4.86 3.02 -6.19
CA TYR A 3 3.42 3.20 -5.96
C TYR A 3 3.16 3.87 -4.60
N THR A 4 2.58 5.08 -4.64
CA THR A 4 2.21 5.85 -3.45
C THR A 4 0.70 5.67 -3.17
N PHE A 5 0.37 5.26 -1.93
CA PHE A 5 -1.01 5.02 -1.46
C PHE A 5 -1.10 5.37 0.03
N ARG A 6 -2.19 5.99 0.44
CA ARG A 6 -2.39 6.48 1.81
C ARG A 6 -3.66 5.87 2.41
N SER A 7 -3.51 5.19 3.55
CA SER A 7 -4.64 4.68 4.33
C SER A 7 -5.15 5.81 5.24
N GLU A 8 -6.38 6.29 4.98
CA GLU A 8 -7.01 7.39 5.72
C GLU A 8 -7.32 6.98 7.16
N CYS A 9 -7.54 5.67 7.39
CA CYS A 9 -7.85 5.10 8.72
C CYS A 9 -6.69 5.30 9.72
N THR A 10 -5.47 5.44 9.19
CA THR A 10 -4.26 5.73 9.98
C THR A 10 -3.64 7.07 9.56
N ASN A 11 -4.24 7.68 8.49
CA ASN A 11 -3.83 9.01 7.97
C ASN A 11 -2.37 8.95 7.45
N LYS A 12 -1.89 7.72 7.17
CA LYS A 12 -0.47 7.43 6.91
C LYS A 12 -0.24 7.10 5.44
N GLU A 13 0.70 7.81 4.82
CA GLU A 13 1.13 7.57 3.43
C GLU A 13 2.12 6.40 3.36
N PHE A 14 2.14 5.71 2.20
CA PHE A 14 3.03 4.56 1.91
C PHE A 14 3.59 4.70 0.51
N THR A 15 4.79 4.15 0.31
CA THR A 15 5.48 4.11 -0.98
C THR A 15 6.12 2.72 -1.12
N VAL A 16 5.92 2.03 -2.26
CA VAL A 16 6.50 0.68 -2.47
C VAL A 16 7.20 0.59 -3.84
N CYS A 17 8.51 0.33 -3.79
CA CYS A 17 9.38 0.25 -4.98
C CYS A 17 9.59 -1.21 -5.37
N ARG A 18 8.64 -1.76 -6.15
CA ARG A 18 8.72 -3.11 -6.74
C ARG A 18 8.63 -2.97 -8.28
N PRO A 19 9.47 -3.71 -9.08
CA PRO A 19 9.73 -3.39 -10.53
C PRO A 19 8.56 -3.72 -11.48
N ASN A 20 7.46 -4.24 -10.92
CA ASN A 20 6.29 -4.72 -11.69
C ASN A 20 5.01 -4.59 -10.84
N PRO A 21 3.83 -4.28 -11.49
CA PRO A 21 2.51 -4.19 -10.82
C PRO A 21 2.12 -5.43 -9.99
N GLU A 22 2.52 -6.63 -10.46
CA GLU A 22 2.09 -7.92 -9.88
C GLU A 22 2.53 -8.06 -8.41
N GLU A 23 3.79 -7.70 -8.16
CA GLU A 23 4.36 -7.68 -6.82
C GLU A 23 3.74 -6.54 -5.98
N VAL A 24 3.64 -5.34 -6.59
CA VAL A 24 3.11 -4.13 -5.94
C VAL A 24 1.68 -4.35 -5.39
N GLU A 25 0.75 -4.85 -6.24
CA GLU A 25 -0.69 -4.84 -5.95
C GLU A 25 -1.07 -5.79 -4.81
N LYS A 26 -0.31 -6.89 -4.65
CA LYS A 26 -0.47 -7.85 -3.54
C LYS A 26 -0.16 -7.18 -2.21
N GLU A 27 0.93 -6.40 -2.20
CA GLU A 27 1.40 -5.68 -1.01
C GLU A 27 0.46 -4.52 -0.69
N ALA A 28 0.09 -3.78 -1.75
CA ALA A 28 -0.62 -2.50 -1.64
C ALA A 28 -2.06 -2.68 -1.17
N ARG A 29 -2.77 -3.67 -1.74
CA ARG A 29 -4.18 -3.95 -1.40
C ARG A 29 -4.30 -4.33 0.09
N ARG A 30 -3.39 -5.22 0.54
CA ARG A 30 -3.44 -5.78 1.89
C ARG A 30 -2.93 -4.78 2.93
N THR A 31 -1.85 -4.02 2.61
CA THR A 31 -1.28 -2.99 3.51
C THR A 31 -2.32 -1.90 3.82
N LYS A 32 -2.99 -1.42 2.75
CA LYS A 32 -4.06 -0.40 2.83
C LYS A 32 -5.17 -0.83 3.81
N GLU A 33 -5.70 -2.04 3.58
CA GLU A 33 -6.85 -2.54 4.35
C GLU A 33 -6.41 -2.99 5.77
N GLU A 34 -5.13 -3.43 5.92
CA GLU A 34 -4.55 -3.93 7.19
C GLU A 34 -4.44 -2.81 8.23
N GLU A 35 -4.08 -1.61 7.73
CA GLU A 35 -4.04 -0.37 8.54
C GLU A 35 -5.43 -0.05 9.12
N CYS A 36 -6.47 -0.43 8.37
CA CYS A 36 -7.86 -0.20 8.76
C CYS A 36 -8.51 -1.53 9.25
N ARG A 37 -7.67 -2.53 9.60
CA ARG A 37 -8.14 -3.88 10.03
C ARG A 37 -7.45 -4.30 11.33
N LYS A 38 -8.24 -4.36 12.41
CA LYS A 38 -7.83 -5.00 13.68
C LYS A 38 -8.97 -5.98 14.07
N GLN A 1 7.33 5.12 -9.77
CA GLN A 1 8.48 5.28 -8.84
C GLN A 1 7.91 5.27 -7.41
N CYS A 2 7.99 4.10 -6.75
CA CYS A 2 7.41 3.86 -5.42
C CYS A 2 5.92 4.25 -5.36
N TYR A 3 5.06 3.26 -5.67
CA TYR A 3 3.61 3.43 -5.80
C TYR A 3 3.01 4.01 -4.52
N THR A 4 2.34 5.16 -4.66
CA THR A 4 1.79 5.91 -3.54
C THR A 4 0.31 5.52 -3.30
N PHE A 5 0.00 5.16 -2.05
CA PHE A 5 -1.36 4.86 -1.57
C PHE A 5 -1.40 5.21 -0.09
N ARG A 6 -2.47 5.85 0.36
CA ARG A 6 -2.57 6.36 1.75
C ARG A 6 -3.79 5.78 2.45
N SER A 7 -3.56 5.01 3.53
CA SER A 7 -4.65 4.52 4.37
C SER A 7 -5.07 5.66 5.30
N GLU A 8 -6.19 6.32 4.92
CA GLU A 8 -6.85 7.36 5.72
C GLU A 8 -7.25 6.82 7.12
N CYS A 9 -7.44 5.47 7.19
CA CYS A 9 -7.71 4.74 8.43
C CYS A 9 -6.69 5.07 9.54
N THR A 10 -5.41 5.21 9.16
CA THR A 10 -4.30 5.44 10.10
C THR A 10 -3.62 6.79 9.79
N ASN A 11 -4.04 7.44 8.67
CA ASN A 11 -3.52 8.75 8.18
C ASN A 11 -2.13 8.61 7.48
N LYS A 12 -1.44 7.45 7.67
CA LYS A 12 -0.12 7.17 7.06
C LYS A 12 -0.26 6.93 5.54
N GLU A 13 0.66 7.55 4.77
CA GLU A 13 0.85 7.26 3.35
C GLU A 13 1.92 6.17 3.21
N PHE A 14 1.86 5.44 2.10
CA PHE A 14 2.76 4.31 1.84
C PHE A 14 3.23 4.40 0.39
N THR A 15 4.53 4.19 0.20
CA THR A 15 5.13 4.11 -1.13
C THR A 15 5.90 2.78 -1.23
N VAL A 16 5.64 1.98 -2.29
CA VAL A 16 6.28 0.66 -2.46
C VAL A 16 6.91 0.52 -3.86
N CYS A 17 8.23 0.29 -3.89
CA CYS A 17 9.00 0.07 -5.13
C CYS A 17 9.24 -1.43 -5.34
N ARG A 18 8.47 -2.02 -6.27
CA ARG A 18 8.70 -3.38 -6.82
C ARG A 18 8.91 -3.25 -8.35
N PRO A 19 9.68 -4.17 -9.01
CA PRO A 19 9.87 -4.13 -10.48
C PRO A 19 8.57 -4.49 -11.24
N ASN A 20 7.79 -5.45 -10.68
CA ASN A 20 6.52 -5.90 -11.30
C ASN A 20 5.33 -5.18 -10.64
N PRO A 21 4.37 -4.59 -11.44
CA PRO A 21 3.05 -4.12 -10.96
C PRO A 21 2.28 -5.20 -10.18
N GLU A 22 2.50 -6.47 -10.59
CA GLU A 22 1.89 -7.68 -9.98
C GLU A 22 2.21 -7.72 -8.47
N GLU A 23 3.51 -7.53 -8.16
CA GLU A 23 4.06 -7.56 -6.79
C GLU A 23 3.64 -6.31 -6.00
N VAL A 24 3.58 -5.15 -6.70
CA VAL A 24 3.14 -3.87 -6.13
C VAL A 24 1.71 -3.97 -5.60
N GLU A 25 0.81 -4.55 -6.42
CA GLU A 25 -0.63 -4.70 -6.10
C GLU A 25 -0.84 -5.49 -4.81
N LYS A 26 -0.03 -6.56 -4.62
CA LYS A 26 -0.05 -7.41 -3.41
C LYS A 26 0.22 -6.55 -2.17
N GLU A 27 1.31 -5.77 -2.26
CA GLU A 27 1.74 -4.85 -1.20
C GLU A 27 0.70 -3.73 -0.99
N ALA A 28 0.14 -3.24 -2.09
CA ALA A 28 -0.69 -2.03 -2.10
C ALA A 28 -2.02 -2.25 -1.40
N ARG A 29 -2.75 -3.28 -1.82
CA ARG A 29 -4.12 -3.54 -1.35
C ARG A 29 -4.12 -4.02 0.11
N ARG A 30 -3.14 -4.90 0.45
CA ARG A 30 -3.03 -5.48 1.79
C ARG A 30 -2.67 -4.38 2.80
N THR A 31 -1.58 -3.62 2.52
CA THR A 31 -1.08 -2.56 3.43
C THR A 31 -2.17 -1.51 3.78
N LYS A 32 -3.04 -1.22 2.78
CA LYS A 32 -4.20 -0.32 2.95
C LYS A 32 -5.20 -0.87 3.99
N GLU A 33 -5.63 -2.12 3.75
CA GLU A 33 -6.70 -2.80 4.52
C GLU A 33 -6.23 -3.22 5.92
N GLU A 34 -4.90 -3.47 6.05
CA GLU A 34 -4.26 -3.87 7.33
C GLU A 34 -4.39 -2.77 8.39
N GLU A 35 -4.27 -1.52 7.94
CA GLU A 35 -4.38 -0.34 8.82
C GLU A 35 -5.84 -0.09 9.23
N CYS A 36 -6.79 -0.67 8.49
CA CYS A 36 -8.22 -0.55 8.77
C CYS A 36 -8.75 -1.79 9.55
N ARG A 37 -7.97 -2.89 9.56
CA ARG A 37 -8.39 -4.17 10.19
C ARG A 37 -7.93 -4.27 11.65
N LYS A 38 -6.95 -3.43 12.03
CA LYS A 38 -6.28 -3.50 13.35
C LYS A 38 -7.30 -3.38 14.53
N GLN A 1 7.30 4.57 -11.95
CA GLN A 1 6.92 5.28 -10.71
C GLN A 1 6.78 4.29 -9.55
N CYS A 2 7.00 4.78 -8.31
CA CYS A 2 6.77 4.02 -7.08
C CYS A 2 5.38 4.36 -6.53
N TYR A 3 4.57 3.31 -6.25
CA TYR A 3 3.16 3.44 -5.86
C TYR A 3 3.03 4.05 -4.45
N THR A 4 2.71 5.36 -4.40
CA THR A 4 2.49 6.08 -3.14
C THR A 4 0.98 6.22 -2.87
N PHE A 5 0.52 5.65 -1.75
CA PHE A 5 -0.90 5.58 -1.38
C PHE A 5 -1.07 5.83 0.12
N ARG A 6 -2.09 6.62 0.48
CA ARG A 6 -2.39 6.99 1.87
C ARG A 6 -3.62 6.23 2.36
N SER A 7 -3.50 5.57 3.52
CA SER A 7 -4.64 4.90 4.15
C SER A 7 -5.34 5.87 5.11
N GLU A 8 -6.69 5.82 5.10
CA GLU A 8 -7.55 6.70 5.91
C GLU A 8 -7.44 6.30 7.40
N CYS A 9 -7.28 4.98 7.65
CA CYS A 9 -7.28 4.39 9.02
C CYS A 9 -5.92 4.58 9.75
N THR A 10 -5.19 5.65 9.41
CA THR A 10 -3.84 5.94 9.94
C THR A 10 -3.39 7.34 9.50
N ASN A 11 -3.92 7.78 8.33
CA ASN A 11 -3.65 9.09 7.67
C ASN A 11 -2.23 9.12 7.03
N LYS A 12 -1.46 8.05 7.25
CA LYS A 12 -0.09 7.93 6.75
C LYS A 12 -0.06 7.41 5.32
N GLU A 13 0.91 7.90 4.54
CA GLU A 13 1.16 7.48 3.16
C GLU A 13 2.25 6.40 3.13
N PHE A 14 2.19 5.55 2.10
CA PHE A 14 3.06 4.38 1.95
C PHE A 14 3.60 4.37 0.53
N THR A 15 4.92 4.34 0.39
CA THR A 15 5.58 4.26 -0.90
C THR A 15 6.14 2.85 -1.06
N VAL A 16 5.64 2.12 -2.05
CA VAL A 16 6.13 0.80 -2.40
C VAL A 16 6.60 0.82 -3.86
N CYS A 17 7.69 0.11 -4.14
CA CYS A 17 8.31 0.11 -5.47
C CYS A 17 8.87 -1.29 -5.72
N ARG A 18 8.02 -2.15 -6.31
CA ARG A 18 8.41 -3.53 -6.64
C ARG A 18 8.90 -3.60 -8.11
N PRO A 19 9.80 -4.57 -8.47
CA PRO A 19 10.38 -4.68 -9.84
C PRO A 19 9.32 -4.89 -10.94
N ASN A 20 8.13 -5.34 -10.52
CA ASN A 20 6.98 -5.55 -11.40
C ASN A 20 5.67 -5.10 -10.70
N PRO A 21 4.68 -4.53 -11.46
CA PRO A 21 3.39 -4.00 -10.90
C PRO A 21 2.51 -5.08 -10.22
N GLU A 22 2.74 -6.35 -10.61
CA GLU A 22 1.96 -7.49 -10.12
C GLU A 22 2.21 -7.73 -8.62
N GLU A 23 3.43 -7.47 -8.14
CA GLU A 23 3.75 -7.57 -6.70
C GLU A 23 3.15 -6.37 -5.95
N VAL A 24 3.17 -5.19 -6.59
CA VAL A 24 2.53 -3.97 -6.07
C VAL A 24 1.01 -4.20 -5.85
N GLU A 25 0.39 -5.02 -6.72
CA GLU A 25 -1.03 -5.43 -6.59
C GLU A 25 -1.31 -6.10 -5.24
N LYS A 26 -0.32 -6.83 -4.71
CA LYS A 26 -0.41 -7.40 -3.36
C LYS A 26 -0.20 -6.29 -2.31
N GLU A 27 0.94 -5.58 -2.45
CA GLU A 27 1.46 -4.63 -1.44
C GLU A 27 0.45 -3.52 -1.11
N ALA A 28 -0.16 -2.94 -2.16
CA ALA A 28 -1.06 -1.79 -2.05
C ALA A 28 -2.35 -2.15 -1.30
N ARG A 29 -3.02 -3.23 -1.74
CA ARG A 29 -4.30 -3.66 -1.12
C ARG A 29 -4.08 -4.14 0.33
N ARG A 30 -3.03 -4.96 0.53
CA ARG A 30 -2.75 -5.64 1.82
C ARG A 30 -2.37 -4.64 2.91
N THR A 31 -1.57 -3.62 2.55
CA THR A 31 -1.21 -2.53 3.48
C THR A 31 -2.47 -1.78 3.94
N LYS A 32 -3.34 -1.45 2.98
CA LYS A 32 -4.63 -0.75 3.24
C LYS A 32 -5.53 -1.60 4.17
N GLU A 33 -5.53 -2.94 3.95
CA GLU A 33 -6.30 -3.91 4.75
C GLU A 33 -5.77 -3.97 6.19
N GLU A 34 -4.43 -4.02 6.34
CA GLU A 34 -3.75 -4.14 7.65
C GLU A 34 -3.89 -2.85 8.48
N GLU A 35 -4.10 -1.71 7.81
CA GLU A 35 -4.34 -0.43 8.49
C GLU A 35 -5.80 -0.31 8.95
N CYS A 36 -6.73 -0.95 8.21
CA CYS A 36 -8.18 -0.92 8.52
C CYS A 36 -8.72 -2.29 8.99
N ARG A 37 -7.82 -3.16 9.51
CA ARG A 37 -8.19 -4.55 9.92
C ARG A 37 -8.92 -4.60 11.26
N LYS A 38 -8.90 -3.47 12.01
CA LYS A 38 -9.63 -3.33 13.28
C LYS A 38 -11.06 -2.81 12.98
N GLN A 1 6.64 6.28 -10.75
CA GLN A 1 7.69 6.37 -9.71
C GLN A 1 7.19 5.68 -8.43
N CYS A 2 7.46 4.36 -8.33
CA CYS A 2 7.01 3.51 -7.20
C CYS A 2 5.45 3.54 -7.06
N TYR A 3 4.94 3.32 -5.84
CA TYR A 3 3.48 3.37 -5.58
C TYR A 3 3.21 4.18 -4.33
N THR A 4 2.88 5.46 -4.50
CA THR A 4 2.46 6.32 -3.40
C THR A 4 0.92 6.24 -3.27
N PHE A 5 0.44 5.80 -2.11
CA PHE A 5 -1.00 5.62 -1.82
C PHE A 5 -1.26 5.92 -0.35
N ARG A 6 -2.47 6.40 -0.04
CA ARG A 6 -2.84 6.82 1.31
C ARG A 6 -3.90 5.88 1.90
N SER A 7 -3.74 5.55 3.20
CA SER A 7 -4.75 4.84 3.99
C SER A 7 -5.32 5.82 5.03
N GLU A 8 -6.59 6.23 4.81
CA GLU A 8 -7.35 7.13 5.71
C GLU A 8 -7.59 6.49 7.11
N CYS A 9 -7.53 5.15 7.15
CA CYS A 9 -7.75 4.33 8.36
C CYS A 9 -6.65 4.57 9.44
N THR A 10 -5.55 5.19 9.02
CA THR A 10 -4.36 5.48 9.86
C THR A 10 -3.84 6.89 9.52
N ASN A 11 -4.38 7.45 8.40
CA ASN A 11 -3.98 8.74 7.83
C ASN A 11 -2.48 8.72 7.46
N LYS A 12 -2.00 7.56 6.97
CA LYS A 12 -0.58 7.36 6.63
C LYS A 12 -0.44 7.14 5.12
N GLU A 13 0.66 7.62 4.57
CA GLU A 13 1.01 7.47 3.14
C GLU A 13 2.18 6.48 3.03
N PHE A 14 2.07 5.58 2.05
CA PHE A 14 3.06 4.50 1.84
C PHE A 14 3.61 4.63 0.43
N THR A 15 4.90 4.31 0.26
CA THR A 15 5.56 4.31 -1.05
C THR A 15 6.39 3.02 -1.17
N VAL A 16 6.00 2.16 -2.13
CA VAL A 16 6.58 0.82 -2.30
C VAL A 16 6.98 0.60 -3.77
N CYS A 17 8.19 0.02 -3.98
CA CYS A 17 8.82 -0.10 -5.31
C CYS A 17 9.28 -1.56 -5.54
N ARG A 18 8.44 -2.34 -6.26
CA ARG A 18 8.74 -3.74 -6.66
C ARG A 18 9.34 -3.75 -8.10
N PRO A 19 9.90 -4.89 -8.61
CA PRO A 19 10.41 -5.00 -10.02
C PRO A 19 9.27 -4.95 -11.07
N ASN A 20 8.00 -5.12 -10.62
CA ASN A 20 6.81 -5.05 -11.48
C ASN A 20 5.57 -4.59 -10.65
N PRO A 21 4.62 -3.81 -11.26
CA PRO A 21 3.36 -3.34 -10.58
C PRO A 21 2.39 -4.49 -10.18
N GLU A 22 2.57 -5.70 -10.78
CA GLU A 22 1.76 -6.90 -10.47
C GLU A 22 1.86 -7.25 -8.97
N GLU A 23 3.12 -7.31 -8.48
CA GLU A 23 3.45 -7.57 -7.08
C GLU A 23 2.97 -6.44 -6.17
N VAL A 24 3.05 -5.21 -6.68
CA VAL A 24 2.74 -4.01 -5.89
C VAL A 24 1.26 -4.01 -5.47
N GLU A 25 0.36 -4.44 -6.38
CA GLU A 25 -1.09 -4.52 -6.10
C GLU A 25 -1.37 -5.49 -4.95
N LYS A 26 -0.63 -6.63 -4.94
CA LYS A 26 -0.72 -7.65 -3.88
C LYS A 26 -0.40 -7.03 -2.51
N GLU A 27 0.73 -6.30 -2.46
CA GLU A 27 1.30 -5.72 -1.22
C GLU A 27 0.45 -4.53 -0.75
N ALA A 28 0.00 -3.71 -1.71
CA ALA A 28 -0.67 -2.42 -1.44
C ALA A 28 -2.09 -2.63 -0.91
N ARG A 29 -2.81 -3.60 -1.49
CA ARG A 29 -4.20 -3.92 -1.07
C ARG A 29 -4.20 -4.51 0.35
N ARG A 30 -3.13 -5.29 0.65
CA ARG A 30 -2.92 -5.86 1.99
C ARG A 30 -2.56 -4.74 2.99
N THR A 31 -1.63 -3.84 2.59
CA THR A 31 -1.16 -2.70 3.43
C THR A 31 -2.33 -1.82 3.91
N LYS A 32 -3.24 -1.54 2.97
CA LYS A 32 -4.48 -0.80 3.23
C LYS A 32 -5.35 -1.50 4.29
N GLU A 33 -5.55 -2.83 4.13
CA GLU A 33 -6.33 -3.65 5.08
C GLU A 33 -5.73 -3.65 6.49
N GLU A 34 -4.40 -3.84 6.59
CA GLU A 34 -3.69 -3.96 7.88
C GLU A 34 -3.80 -2.66 8.70
N GLU A 35 -3.91 -1.53 7.99
CA GLU A 35 -4.10 -0.21 8.61
C GLU A 35 -5.55 0.03 9.00
N CYS A 36 -6.47 -0.60 8.29
CA CYS A 36 -7.92 -0.51 8.56
C CYS A 36 -8.36 -1.55 9.61
N ARG A 37 -7.39 -2.33 10.14
CA ARG A 37 -7.64 -3.33 11.19
C ARG A 37 -6.44 -3.42 12.16
N LYS A 38 -6.54 -4.30 13.18
CA LYS A 38 -5.46 -4.53 14.15
C LYS A 38 -4.70 -5.85 13.80
N GLN A 1 10.22 3.18 -10.60
CA GLN A 1 8.90 3.68 -10.14
C GLN A 1 8.52 3.03 -8.81
N CYS A 2 7.59 3.69 -8.09
CA CYS A 2 7.11 3.23 -6.78
C CYS A 2 5.65 3.69 -6.61
N TYR A 3 4.78 2.80 -6.11
CA TYR A 3 3.35 3.11 -5.90
C TYR A 3 3.18 3.84 -4.56
N THR A 4 2.61 5.05 -4.60
CA THR A 4 2.40 5.89 -3.42
C THR A 4 0.88 5.97 -3.12
N PHE A 5 0.48 5.45 -1.95
CA PHE A 5 -0.93 5.26 -1.56
C PHE A 5 -1.11 5.56 -0.08
N ARG A 6 -2.21 6.24 0.28
CA ARG A 6 -2.45 6.72 1.65
C ARG A 6 -3.76 6.12 2.20
N SER A 7 -3.64 5.31 3.26
CA SER A 7 -4.80 4.76 3.98
C SER A 7 -5.16 5.76 5.09
N GLU A 8 -6.25 6.53 4.85
CA GLU A 8 -6.69 7.60 5.76
C GLU A 8 -7.39 7.06 7.03
N CYS A 9 -7.49 5.71 7.15
CA CYS A 9 -7.88 5.03 8.40
C CYS A 9 -6.87 5.35 9.53
N THR A 10 -5.59 5.42 9.15
CA THR A 10 -4.48 5.74 10.05
C THR A 10 -3.92 7.12 9.68
N ASN A 11 -4.18 7.52 8.40
CA ASN A 11 -3.78 8.80 7.80
C ASN A 11 -2.27 8.80 7.37
N LYS A 12 -1.65 7.60 7.40
CA LYS A 12 -0.25 7.39 6.93
C LYS A 12 -0.25 7.08 5.42
N GLU A 13 0.79 7.56 4.72
CA GLU A 13 1.01 7.30 3.29
C GLU A 13 2.23 6.38 3.12
N PHE A 14 2.17 5.49 2.12
CA PHE A 14 3.10 4.37 1.94
C PHE A 14 3.62 4.39 0.50
N THR A 15 4.81 3.83 0.30
CA THR A 15 5.48 3.80 -1.00
C THR A 15 6.16 2.43 -1.15
N VAL A 16 5.75 1.65 -2.17
CA VAL A 16 6.27 0.31 -2.42
C VAL A 16 6.94 0.26 -3.81
N CYS A 17 8.26 0.06 -3.81
CA CYS A 17 9.10 0.04 -5.02
C CYS A 17 9.32 -1.41 -5.48
N ARG A 18 8.48 -1.86 -6.42
CA ARG A 18 8.62 -3.17 -7.08
C ARG A 18 8.81 -2.97 -8.59
N PRO A 19 9.62 -3.84 -9.30
CA PRO A 19 9.90 -3.67 -10.76
C PRO A 19 8.70 -4.04 -11.66
N ASN A 20 7.58 -4.43 -11.02
CA ASN A 20 6.35 -4.85 -11.70
C ASN A 20 5.12 -4.47 -10.82
N PRO A 21 3.93 -4.17 -11.44
CA PRO A 21 2.69 -3.90 -10.66
C PRO A 21 2.13 -5.16 -9.96
N GLU A 22 2.62 -6.35 -10.37
CA GLU A 22 2.14 -7.67 -9.89
C GLU A 22 2.39 -7.83 -8.36
N GLU A 23 3.62 -7.51 -7.91
CA GLU A 23 3.98 -7.51 -6.46
C GLU A 23 3.48 -6.23 -5.76
N VAL A 24 3.37 -5.11 -6.51
CA VAL A 24 2.82 -3.84 -5.99
C VAL A 24 1.40 -4.06 -5.44
N GLU A 25 0.54 -4.69 -6.27
CA GLU A 25 -0.89 -4.90 -5.96
C GLU A 25 -1.06 -5.68 -4.66
N LYS A 26 -0.23 -6.74 -4.50
CA LYS A 26 -0.23 -7.60 -3.30
C LYS A 26 -0.01 -6.76 -2.03
N GLU A 27 1.10 -5.98 -2.04
CA GLU A 27 1.55 -5.21 -0.87
C GLU A 27 0.61 -4.01 -0.61
N ALA A 28 0.13 -3.39 -1.71
CA ALA A 28 -0.65 -2.15 -1.65
C ALA A 28 -1.99 -2.38 -0.95
N ARG A 29 -2.73 -3.41 -1.42
CA ARG A 29 -4.05 -3.74 -0.90
C ARG A 29 -3.96 -4.37 0.48
N ARG A 30 -2.92 -5.20 0.76
CA ARG A 30 -2.73 -5.82 2.08
C ARG A 30 -2.41 -4.76 3.14
N THR A 31 -1.62 -3.73 2.75
CA THR A 31 -1.28 -2.60 3.63
C THR A 31 -2.55 -1.75 3.91
N LYS A 32 -3.37 -1.50 2.87
CA LYS A 32 -4.66 -0.76 3.00
C LYS A 32 -5.59 -1.49 3.98
N GLU A 33 -5.75 -2.81 3.75
CA GLU A 33 -6.59 -3.67 4.57
C GLU A 33 -6.03 -3.83 5.99
N GLU A 34 -4.69 -3.69 6.14
CA GLU A 34 -4.00 -3.80 7.44
C GLU A 34 -4.29 -2.55 8.29
N GLU A 35 -4.25 -1.36 7.66
CA GLU A 35 -4.49 -0.08 8.35
C GLU A 35 -5.99 0.10 8.67
N CYS A 36 -6.85 -0.58 7.90
CA CYS A 36 -8.31 -0.54 8.07
C CYS A 36 -8.86 -1.92 8.55
N ARG A 37 -7.99 -2.75 9.20
CA ARG A 37 -8.36 -4.15 9.59
C ARG A 37 -9.33 -4.16 10.78
N LYS A 38 -9.06 -3.28 11.75
CA LYS A 38 -9.87 -3.10 12.96
C LYS A 38 -10.95 -2.03 12.66
N GLN A 1 7.70 7.88 -8.54
CA GLN A 1 8.81 7.31 -7.75
C GLN A 1 8.22 6.42 -6.66
N CYS A 2 8.04 5.12 -7.00
CA CYS A 2 7.41 4.09 -6.15
C CYS A 2 5.90 4.37 -5.96
N TYR A 3 5.08 3.31 -5.85
CA TYR A 3 3.63 3.45 -5.64
C TYR A 3 3.37 4.06 -4.26
N THR A 4 2.98 5.35 -4.24
CA THR A 4 2.58 6.04 -3.02
C THR A 4 1.04 6.01 -2.90
N PHE A 5 0.54 5.53 -1.76
CA PHE A 5 -0.90 5.34 -1.51
C PHE A 5 -1.18 5.62 -0.02
N ARG A 6 -2.27 6.33 0.27
CA ARG A 6 -2.58 6.82 1.63
C ARG A 6 -3.85 6.14 2.15
N SER A 7 -3.72 5.39 3.26
CA SER A 7 -4.87 4.73 3.90
C SER A 7 -5.57 5.69 4.87
N GLU A 8 -6.89 5.57 4.93
CA GLU A 8 -7.77 6.43 5.74
C GLU A 8 -7.63 6.10 7.23
N CYS A 9 -7.43 4.80 7.51
CA CYS A 9 -7.44 4.24 8.88
C CYS A 9 -6.10 4.47 9.62
N THR A 10 -5.26 5.38 9.11
CA THR A 10 -3.95 5.70 9.70
C THR A 10 -3.52 7.15 9.39
N ASN A 11 -4.12 7.77 8.34
CA ASN A 11 -3.80 9.17 7.92
C ASN A 11 -2.36 9.27 7.32
N LYS A 12 -1.72 8.11 7.08
CA LYS A 12 -0.32 8.01 6.61
C LYS A 12 -0.28 7.43 5.17
N GLU A 13 0.73 7.86 4.40
CA GLU A 13 0.97 7.38 3.02
C GLU A 13 2.12 6.37 3.01
N PHE A 14 2.07 5.44 2.06
CA PHE A 14 2.98 4.28 1.98
C PHE A 14 3.57 4.25 0.58
N THR A 15 4.89 4.08 0.50
CA THR A 15 5.65 4.18 -0.74
C THR A 15 6.44 2.87 -0.94
N VAL A 16 6.08 2.10 -1.98
CA VAL A 16 6.67 0.76 -2.23
C VAL A 16 7.16 0.68 -3.68
N CYS A 17 8.36 0.11 -3.87
CA CYS A 17 8.95 -0.13 -5.21
C CYS A 17 9.13 -1.63 -5.38
N ARG A 18 8.62 -2.16 -6.50
CA ARG A 18 8.62 -3.58 -6.83
C ARG A 18 8.94 -3.75 -8.35
N PRO A 19 9.52 -4.94 -8.79
CA PRO A 19 9.96 -5.16 -10.20
C PRO A 19 8.83 -4.99 -11.25
N ASN A 20 7.60 -5.39 -10.86
CA ASN A 20 6.41 -5.32 -11.73
C ASN A 20 5.20 -4.83 -10.90
N PRO A 21 4.13 -4.25 -11.56
CA PRO A 21 2.94 -3.70 -10.84
C PRO A 21 2.05 -4.78 -10.18
N GLU A 22 2.29 -6.07 -10.49
CA GLU A 22 1.56 -7.21 -9.90
C GLU A 22 1.99 -7.40 -8.43
N GLU A 23 3.31 -7.30 -8.19
CA GLU A 23 3.90 -7.32 -6.84
C GLU A 23 3.40 -6.12 -6.03
N VAL A 24 3.25 -4.98 -6.74
CA VAL A 24 2.72 -3.75 -6.16
C VAL A 24 1.25 -3.91 -5.73
N GLU A 25 0.46 -4.71 -6.51
CA GLU A 25 -0.94 -5.00 -6.16
C GLU A 25 -1.01 -5.67 -4.78
N LYS A 26 -0.15 -6.67 -4.58
CA LYS A 26 -0.06 -7.48 -3.35
C LYS A 26 0.24 -6.57 -2.14
N GLU A 27 1.19 -5.64 -2.34
CA GLU A 27 1.63 -4.67 -1.32
C GLU A 27 0.51 -3.65 -1.01
N ALA A 28 -0.09 -3.10 -2.07
CA ALA A 28 -1.04 -1.99 -1.98
C ALA A 28 -2.32 -2.41 -1.26
N ARG A 29 -2.90 -3.53 -1.72
CA ARG A 29 -4.17 -4.06 -1.20
C ARG A 29 -4.04 -4.46 0.29
N ARG A 30 -2.92 -5.13 0.62
CA ARG A 30 -2.71 -5.69 1.98
C ARG A 30 -2.39 -4.61 3.00
N THR A 31 -1.58 -3.60 2.62
CA THR A 31 -1.25 -2.47 3.51
C THR A 31 -2.51 -1.64 3.85
N LYS A 32 -3.37 -1.45 2.83
CA LYS A 32 -4.66 -0.73 2.97
C LYS A 32 -5.59 -1.47 3.96
N GLU A 33 -5.66 -2.82 3.83
CA GLU A 33 -6.42 -3.68 4.77
C GLU A 33 -5.81 -3.64 6.17
N GLU A 34 -4.46 -3.69 6.23
CA GLU A 34 -3.67 -3.85 7.46
C GLU A 34 -3.93 -2.71 8.45
N GLU A 35 -4.01 -1.48 7.92
CA GLU A 35 -4.34 -0.27 8.69
C GLU A 35 -5.79 -0.28 9.17
N CYS A 36 -6.68 -0.85 8.35
CA CYS A 36 -8.13 -0.89 8.59
C CYS A 36 -8.58 -2.19 9.29
N ARG A 37 -7.61 -3.01 9.75
CA ARG A 37 -7.89 -4.26 10.49
C ARG A 37 -6.90 -4.44 11.67
N LYS A 38 -7.05 -5.59 12.34
CA LYS A 38 -6.23 -5.98 13.50
C LYS A 38 -5.28 -7.11 13.05
N GLN A 1 7.11 6.93 -10.72
CA GLN A 1 7.78 5.74 -10.14
C GLN A 1 7.34 5.58 -8.66
N CYS A 2 7.32 4.32 -8.19
CA CYS A 2 7.02 3.95 -6.78
C CYS A 2 5.56 4.34 -6.38
N TYR A 3 4.68 3.33 -6.37
CA TYR A 3 3.22 3.53 -6.16
C TYR A 3 2.90 4.12 -4.78
N THR A 4 2.35 5.36 -4.77
CA THR A 4 1.94 6.05 -3.54
C THR A 4 0.42 5.89 -3.30
N PHE A 5 0.06 5.53 -2.05
CA PHE A 5 -1.32 5.31 -1.60
C PHE A 5 -1.38 5.59 -0.08
N ARG A 6 -2.44 6.26 0.38
CA ARG A 6 -2.58 6.72 1.78
C ARG A 6 -3.82 6.11 2.43
N SER A 7 -3.62 5.41 3.57
CA SER A 7 -4.73 4.87 4.37
C SER A 7 -5.15 5.91 5.41
N GLU A 8 -6.45 6.27 5.40
CA GLU A 8 -7.06 7.20 6.38
C GLU A 8 -6.99 6.60 7.80
N CYS A 9 -7.13 5.26 7.87
CA CYS A 9 -7.20 4.48 9.13
C CYS A 9 -5.94 4.64 10.01
N THR A 10 -4.80 4.95 9.38
CA THR A 10 -3.49 5.03 10.04
C THR A 10 -2.92 6.46 9.94
N ASN A 11 -3.52 7.25 9.01
CA ASN A 11 -3.08 8.63 8.65
C ASN A 11 -1.83 8.63 7.71
N LYS A 12 -0.97 7.60 7.85
CA LYS A 12 0.29 7.49 7.10
C LYS A 12 0.06 7.18 5.61
N GLU A 13 0.86 7.82 4.75
CA GLU A 13 0.93 7.50 3.32
C GLU A 13 2.12 6.56 3.07
N PHE A 14 1.96 5.73 2.05
CA PHE A 14 2.90 4.64 1.72
C PHE A 14 3.36 4.81 0.26
N THR A 15 4.60 4.42 -0.03
CA THR A 15 5.18 4.48 -1.37
C THR A 15 6.03 3.21 -1.61
N VAL A 16 5.65 2.38 -2.60
CA VAL A 16 6.27 1.05 -2.80
C VAL A 16 6.81 0.88 -4.24
N CYS A 17 8.12 0.64 -4.35
CA CYS A 17 8.81 0.39 -5.63
C CYS A 17 9.23 -1.09 -5.67
N ARG A 18 8.40 -1.93 -6.29
CA ARG A 18 8.69 -3.36 -6.49
C ARG A 18 9.08 -3.60 -7.98
N PRO A 19 9.93 -4.64 -8.30
CA PRO A 19 10.43 -4.89 -9.68
C PRO A 19 9.33 -5.24 -10.71
N ASN A 20 8.07 -5.36 -10.25
CA ASN A 20 6.90 -5.66 -11.10
C ASN A 20 5.59 -5.16 -10.45
N PRO A 21 4.55 -4.76 -11.27
CA PRO A 21 3.19 -4.37 -10.77
C PRO A 21 2.45 -5.55 -10.08
N GLU A 22 2.84 -6.78 -10.46
CA GLU A 22 2.29 -8.04 -9.90
C GLU A 22 2.41 -8.07 -8.35
N GLU A 23 3.57 -7.64 -7.85
CA GLU A 23 3.85 -7.54 -6.42
C GLU A 23 3.23 -6.26 -5.82
N VAL A 24 3.33 -5.12 -6.56
CA VAL A 24 2.85 -3.80 -6.08
C VAL A 24 1.36 -3.87 -5.70
N GLU A 25 0.54 -4.51 -6.55
CA GLU A 25 -0.91 -4.63 -6.33
C GLU A 25 -1.22 -5.47 -5.07
N LYS A 26 -0.39 -6.50 -4.84
CA LYS A 26 -0.54 -7.41 -3.69
C LYS A 26 -0.12 -6.68 -2.39
N GLU A 27 0.91 -5.82 -2.48
CA GLU A 27 1.44 -5.03 -1.34
C GLU A 27 0.47 -3.90 -0.99
N ALA A 28 -0.03 -3.24 -2.04
CA ALA A 28 -0.81 -2.01 -1.90
C ALA A 28 -2.16 -2.31 -1.26
N ARG A 29 -2.88 -3.30 -1.81
CA ARG A 29 -4.22 -3.68 -1.32
C ARG A 29 -4.14 -4.13 0.15
N ARG A 30 -3.14 -4.97 0.45
CA ARG A 30 -2.99 -5.60 1.78
C ARG A 30 -2.47 -4.62 2.85
N THR A 31 -1.68 -3.61 2.45
CA THR A 31 -1.27 -2.52 3.37
C THR A 31 -2.51 -1.69 3.74
N LYS A 32 -3.27 -1.29 2.71
CA LYS A 32 -4.54 -0.52 2.84
C LYS A 32 -5.54 -1.26 3.76
N GLU A 33 -5.66 -2.59 3.55
CA GLU A 33 -6.59 -3.44 4.31
C GLU A 33 -6.15 -3.58 5.78
N GLU A 34 -4.86 -3.89 6.01
CA GLU A 34 -4.32 -4.24 7.36
C GLU A 34 -4.37 -3.04 8.32
N GLU A 35 -4.26 -1.82 7.80
CA GLU A 35 -4.36 -0.59 8.62
C GLU A 35 -5.80 -0.36 9.12
N CYS A 36 -6.78 -0.85 8.32
CA CYS A 36 -8.22 -0.78 8.67
C CYS A 36 -8.72 -2.12 9.28
N ARG A 37 -7.89 -3.18 9.21
CA ARG A 37 -8.26 -4.54 9.69
C ARG A 37 -7.28 -4.97 10.79
N LYS A 38 -7.82 -5.18 11.99
CA LYS A 38 -7.07 -5.62 13.17
C LYS A 38 -7.23 -7.15 13.30
N GLN A 1 8.41 6.49 -9.08
CA GLN A 1 9.02 5.40 -8.29
C GLN A 1 8.28 5.25 -6.96
N CYS A 2 8.06 3.99 -6.53
CA CYS A 2 7.40 3.64 -5.26
C CYS A 2 5.93 4.15 -5.19
N TYR A 3 4.97 3.24 -5.50
CA TYR A 3 3.52 3.55 -5.58
C TYR A 3 3.02 4.23 -4.30
N THR A 4 2.54 5.47 -4.43
CA THR A 4 2.07 6.28 -3.29
C THR A 4 0.55 6.13 -3.14
N PHE A 5 0.11 5.60 -1.98
CA PHE A 5 -1.30 5.39 -1.63
C PHE A 5 -1.50 5.77 -0.16
N ARG A 6 -2.62 6.42 0.16
CA ARG A 6 -2.89 6.99 1.48
C ARG A 6 -4.11 6.33 2.09
N SER A 7 -4.06 6.11 3.41
CA SER A 7 -5.12 5.43 4.15
C SER A 7 -5.52 6.25 5.37
N GLU A 8 -6.81 6.65 5.43
CA GLU A 8 -7.38 7.42 6.56
C GLU A 8 -7.47 6.58 7.85
N CYS A 9 -7.43 5.24 7.71
CA CYS A 9 -7.49 4.31 8.85
C CYS A 9 -6.19 4.33 9.71
N THR A 10 -5.17 5.08 9.24
CA THR A 10 -3.87 5.21 9.90
C THR A 10 -3.32 6.64 9.70
N ASN A 11 -3.96 7.39 8.75
CA ASN A 11 -3.59 8.76 8.29
C ASN A 11 -2.36 8.75 7.34
N LYS A 12 -1.51 7.72 7.46
CA LYS A 12 -0.21 7.64 6.73
C LYS A 12 -0.38 7.35 5.21
N GLU A 13 0.61 7.88 4.46
CA GLU A 13 0.86 7.54 3.05
C GLU A 13 1.91 6.43 2.98
N PHE A 14 1.89 5.62 1.92
CA PHE A 14 2.82 4.47 1.76
C PHE A 14 3.39 4.46 0.35
N THR A 15 4.68 4.15 0.24
CA THR A 15 5.40 4.07 -1.03
C THR A 15 6.05 2.68 -1.15
N VAL A 16 5.74 1.92 -2.22
CA VAL A 16 6.29 0.57 -2.43
C VAL A 16 6.86 0.40 -3.86
N CYS A 17 8.20 0.24 -3.94
CA CYS A 17 8.91 -0.07 -5.20
C CYS A 17 9.09 -1.58 -5.35
N ARG A 18 8.42 -2.17 -6.35
CA ARG A 18 8.51 -3.61 -6.67
C ARG A 18 9.05 -3.79 -8.10
N PRO A 19 9.83 -4.90 -8.38
CA PRO A 19 10.44 -5.14 -9.73
C PRO A 19 9.38 -5.32 -10.85
N ASN A 20 8.14 -5.63 -10.44
CA ASN A 20 6.97 -5.70 -11.33
C ASN A 20 5.75 -5.07 -10.61
N PRO A 21 4.83 -4.37 -11.35
CA PRO A 21 3.60 -3.79 -10.75
C PRO A 21 2.62 -4.85 -10.19
N GLU A 22 2.82 -6.16 -10.53
CA GLU A 22 1.95 -7.25 -10.01
C GLU A 22 2.09 -7.34 -8.48
N GLU A 23 3.35 -7.30 -8.02
CA GLU A 23 3.67 -7.32 -6.60
C GLU A 23 3.08 -6.09 -5.90
N VAL A 24 3.08 -4.93 -6.59
CA VAL A 24 2.46 -3.69 -6.06
C VAL A 24 0.95 -3.92 -5.83
N GLU A 25 0.29 -4.66 -6.75
CA GLU A 25 -1.15 -4.97 -6.65
C GLU A 25 -1.45 -5.71 -5.35
N LYS A 26 -0.55 -6.63 -4.96
CA LYS A 26 -0.68 -7.46 -3.75
C LYS A 26 -0.38 -6.62 -2.50
N GLU A 27 0.83 -6.01 -2.48
CA GLU A 27 1.39 -5.29 -1.32
C GLU A 27 0.52 -4.08 -0.95
N ALA A 28 0.08 -3.32 -1.98
CA ALA A 28 -0.68 -2.08 -1.78
C ALA A 28 -2.00 -2.36 -1.06
N ARG A 29 -2.80 -3.29 -1.62
CA ARG A 29 -4.14 -3.59 -1.10
C ARG A 29 -4.10 -4.34 0.24
N ARG A 30 -3.03 -5.13 0.46
CA ARG A 30 -2.78 -5.82 1.73
C ARG A 30 -2.45 -4.80 2.83
N THR A 31 -1.61 -3.80 2.48
CA THR A 31 -1.26 -2.68 3.40
C THR A 31 -2.50 -1.82 3.71
N LYS A 32 -3.36 -1.64 2.70
CA LYS A 32 -4.61 -0.88 2.83
C LYS A 32 -5.52 -1.50 3.91
N GLU A 33 -5.69 -2.83 3.84
CA GLU A 33 -6.50 -3.61 4.80
C GLU A 33 -5.78 -3.80 6.15
N GLU A 34 -4.44 -3.89 6.12
CA GLU A 34 -3.61 -4.15 7.31
C GLU A 34 -3.57 -2.94 8.25
N GLU A 35 -3.55 -1.76 7.64
CA GLU A 35 -3.57 -0.48 8.36
C GLU A 35 -5.00 -0.11 8.77
N CYS A 36 -6.00 -0.80 8.19
CA CYS A 36 -7.42 -0.57 8.51
C CYS A 36 -8.04 -1.82 9.19
N ARG A 37 -7.19 -2.73 9.73
CA ARG A 37 -7.65 -4.03 10.30
C ARG A 37 -8.51 -3.83 11.55
N LYS A 38 -8.22 -2.77 12.32
CA LYS A 38 -8.94 -2.45 13.58
C LYS A 38 -10.23 -1.66 13.22
#